data_7V0W
#
_entry.id   7V0W
#
_cell.length_a   78.475
_cell.length_b   99.474
_cell.length_c   142.088
_cell.angle_alpha   90.000
_cell.angle_beta   90.000
_cell.angle_gamma   90.000
#
_symmetry.space_group_name_H-M   'P 21 21 21'
#
loop_
_entity.id
_entity.type
_entity.pdbx_description
1 polymer 'Cyclic GMP-AMP synthase'
2 polymer 'Palindromic DNA18'
3 non-polymer 'ZINC ION'
4 non-polymer 'MANGANESE (II) ION'
5 non-polymer 'ADENOSINE MONOPHOSPHATE'
6 non-polymer "GUANOSINE-5'-TRIPHOSPHATE"
7 water water
#
loop_
_entity_poly.entity_id
_entity_poly.type
_entity_poly.pdbx_seq_one_letter_code
_entity_poly.pdbx_strand_id
1 'polypeptide(L)'
;GTGPDKLKKVLDKLRLKRKDISEAAETVNKVVERLLRRMQKRESEFKGVEQLNTGSYYEHVKISAPNQFNVMFKLEVPRI
ELQEYYETGAFYLVKFKRIPRGNPLSHFLEGEVLSATKMLSKFRKIIKEEVKEIKDIDVSVEKEKPGSPAVTLLIRNPEE
ISVDIILALESKGSWPISTKEGLPIQGWLGTKVRTNLRREPFYLVPKNAKDGNSFQGETWRLSFSHTEKYILNNHGIEKT
CCESSGAKCCRKECLKLMKYLLEQLKKEFQELDAFCSYHVKTAIFHMWTQDPQDSQWDPRNLSSCFDKLLAFFLECLRTE
KLDHYFIPKFNLFSQELIDRKSKEFLSKKIEYERNNGFPIFDKL
;
A,C
2 'polydeoxyribonucleotide' (DA)(DT)(DC)(DT)(DG)(DT)(DA)(DC)(DA)(DT)(DG)(DT)(DA)(DC)(DA)(DG)(DA)(DT) E,F,I,J
#
# COMPACT_ATOMS: atom_id res chain seq x y z
N LYS A 6 11.70 -13.30 31.75
CA LYS A 6 12.03 -14.73 31.45
C LYS A 6 12.34 -14.88 29.94
N LEU A 7 11.29 -14.78 29.11
CA LEU A 7 11.41 -14.72 27.66
C LEU A 7 11.87 -13.35 27.19
N LYS A 8 11.61 -12.31 28.00
CA LYS A 8 12.14 -10.98 27.79
C LYS A 8 13.65 -11.01 27.85
N LYS A 9 14.18 -11.72 28.84
CA LYS A 9 15.62 -11.86 29.01
C LYS A 9 16.27 -12.64 27.86
N VAL A 10 15.51 -13.59 27.27
CA VAL A 10 16.01 -14.35 26.13
C VAL A 10 16.13 -13.47 24.88
N LEU A 11 15.07 -12.69 24.62
CA LEU A 11 15.07 -11.72 23.51
C LEU A 11 16.17 -10.68 23.61
N ASP A 12 16.51 -10.30 24.85
CA ASP A 12 17.68 -9.47 25.10
C ASP A 12 18.95 -10.13 24.55
N LYS A 13 19.14 -11.40 24.88
CA LYS A 13 20.28 -12.16 24.38
C LYS A 13 20.27 -12.22 22.85
N LEU A 14 19.11 -12.56 22.26
CA LEU A 14 18.97 -12.71 20.81
C LEU A 14 19.19 -11.43 20.02
N ARG A 15 18.89 -10.28 20.63
CA ARG A 15 18.97 -8.94 20.02
C ARG A 15 20.36 -8.73 19.40
N LEU A 16 20.38 -8.30 18.14
CA LEU A 16 21.60 -7.90 17.46
C LEU A 16 22.17 -6.59 17.99
N LYS A 17 23.51 -6.52 18.02
CA LYS A 17 24.26 -5.33 18.34
C LYS A 17 24.37 -4.46 17.11
N ARG A 18 24.06 -3.17 17.27
CA ARG A 18 24.26 -2.14 16.21
C ARG A 18 25.69 -2.21 15.67
N LYS A 19 26.68 -2.24 16.56
CA LYS A 19 28.09 -2.33 16.19
C LYS A 19 28.33 -3.46 15.19
N ASP A 20 27.80 -4.66 15.51
CA ASP A 20 27.98 -5.86 14.70
C ASP A 20 27.25 -5.76 13.36
N ILE A 21 26.06 -5.16 13.39
CA ILE A 21 25.25 -4.94 12.20
C ILE A 21 26.07 -4.12 11.23
N SER A 22 26.66 -3.04 11.74
CA SER A 22 27.40 -2.08 10.94
C SER A 22 28.59 -2.74 10.23
N GLU A 23 29.38 -3.51 10.96
CA GLU A 23 30.52 -4.23 10.42
C GLU A 23 30.13 -5.34 9.43
N ALA A 24 29.07 -6.09 9.74
CA ALA A 24 28.58 -7.13 8.86
C ALA A 24 28.12 -6.50 7.55
N ALA A 25 27.20 -5.55 7.66
CA ALA A 25 26.59 -4.87 6.52
C ALA A 25 27.60 -4.24 5.56
N GLU A 26 28.61 -3.54 6.09
CA GLU A 26 29.58 -2.81 5.27
C GLU A 26 30.28 -3.76 4.30
N THR A 27 30.71 -4.91 4.84
CA THR A 27 31.45 -5.95 4.11
C THR A 27 30.56 -6.69 3.11
N VAL A 28 29.35 -7.07 3.56
CA VAL A 28 28.41 -7.81 2.75
C VAL A 28 28.01 -6.96 1.55
N ASN A 29 27.76 -5.67 1.80
CA ASN A 29 27.33 -4.77 0.74
C ASN A 29 28.40 -4.60 -0.32
N LYS A 30 29.67 -4.52 0.11
CA LYS A 30 30.81 -4.45 -0.80
C LYS A 30 30.87 -5.64 -1.76
N VAL A 31 30.80 -6.84 -1.18
CA VAL A 31 30.90 -8.07 -1.95
C VAL A 31 29.71 -8.22 -2.91
N VAL A 32 28.50 -7.95 -2.41
CA VAL A 32 27.28 -8.04 -3.20
C VAL A 32 27.26 -7.03 -4.36
N GLU A 33 27.66 -5.78 -4.09
CA GLU A 33 27.72 -4.75 -5.13
C GLU A 33 28.64 -5.17 -6.27
N ARG A 34 29.82 -5.68 -5.89
CA ARG A 34 30.88 -6.13 -6.82
C ARG A 34 30.36 -7.29 -7.67
N LEU A 35 29.73 -8.27 -7.04
CA LEU A 35 29.10 -9.37 -7.75
C LEU A 35 28.03 -8.86 -8.72
N LEU A 36 27.19 -7.92 -8.28
CA LEU A 36 26.06 -7.45 -9.08
C LEU A 36 26.54 -6.70 -10.33
N ARG A 37 27.58 -5.89 -10.17
CA ARG A 37 28.20 -5.11 -11.27
C ARG A 37 28.80 -6.06 -12.30
N ARG A 38 29.46 -7.14 -11.84
CA ARG A 38 30.08 -8.17 -12.72
C ARG A 38 29.00 -8.84 -13.57
N MET A 39 27.80 -9.08 -13.02
CA MET A 39 26.75 -9.72 -13.79
C MET A 39 26.26 -8.79 -14.92
N GLN A 40 26.48 -7.49 -14.73
CA GLN A 40 26.00 -6.52 -15.74
C GLN A 40 26.95 -6.50 -16.94
N LYS A 41 28.06 -7.25 -16.86
CA LYS A 41 29.06 -7.27 -17.97
C LYS A 41 28.34 -7.36 -19.31
N ARG A 42 28.67 -6.45 -20.22
CA ARG A 42 27.97 -6.40 -21.54
C ARG A 42 27.77 -7.80 -22.11
N GLU A 43 28.70 -8.73 -21.87
CA GLU A 43 28.56 -10.07 -22.50
C GLU A 43 28.07 -11.09 -21.48
N SER A 44 27.26 -10.67 -20.51
CA SER A 44 26.82 -11.59 -19.43
C SER A 44 25.43 -12.13 -19.71
N GLU A 45 25.25 -13.44 -19.60
CA GLU A 45 23.93 -14.04 -19.77
C GLU A 45 22.90 -13.46 -18.79
N PHE A 46 23.40 -12.78 -17.75
CA PHE A 46 22.60 -12.29 -16.64
C PHE A 46 22.51 -10.77 -16.61
N LYS A 47 22.83 -10.15 -17.74
CA LYS A 47 22.79 -8.70 -17.86
C LYS A 47 21.35 -8.29 -17.56
N GLY A 48 21.19 -7.18 -16.84
CA GLY A 48 19.88 -6.76 -16.37
C GLY A 48 19.33 -7.44 -15.12
N VAL A 49 20.13 -8.30 -14.49
CA VAL A 49 19.80 -8.85 -13.16
C VAL A 49 19.71 -7.71 -12.12
N GLU A 50 18.77 -7.83 -11.18
CA GLU A 50 18.54 -6.82 -10.11
C GLU A 50 18.55 -7.44 -8.71
N GLN A 51 18.87 -6.62 -7.71
CA GLN A 51 19.08 -7.10 -6.35
C GLN A 51 17.83 -6.95 -5.51
N LEU A 52 17.46 -8.03 -4.83
CA LEU A 52 16.34 -8.05 -3.91
C LEU A 52 16.75 -8.75 -2.62
N ASN A 53 16.88 -7.97 -1.54
CA ASN A 53 17.25 -8.47 -0.23
C ASN A 53 16.05 -9.10 0.43
N THR A 54 16.26 -10.32 0.92
CA THR A 54 15.22 -11.13 1.53
C THR A 54 15.72 -11.77 2.83
N GLY A 55 14.81 -12.50 3.48
CA GLY A 55 15.14 -13.31 4.62
C GLY A 55 15.19 -12.51 5.88
N SER A 56 15.67 -13.16 6.95
CA SER A 56 15.43 -12.74 8.31
C SER A 56 16.11 -11.42 8.63
N TYR A 57 17.31 -11.18 8.09
CA TYR A 57 18.08 -9.94 8.40
C TYR A 57 17.26 -8.72 7.95
N TYR A 58 16.63 -8.82 6.78
CA TYR A 58 15.91 -7.70 6.11
C TYR A 58 14.45 -7.68 6.58
N GLU A 59 14.01 -8.73 7.29
CA GLU A 59 12.71 -8.80 7.97
C GLU A 59 12.81 -8.37 9.46
N HIS A 60 14.02 -8.10 9.93
CA HIS A 60 14.33 -7.84 11.33
C HIS A 60 13.92 -8.93 12.30
N VAL A 61 14.04 -10.20 11.88
CA VAL A 61 13.85 -11.35 12.77
C VAL A 61 15.08 -12.26 12.84
N LYS A 62 16.24 -11.73 12.44
CA LYS A 62 17.48 -12.44 12.55
C LYS A 62 17.91 -12.38 14.00
N ILE A 63 18.31 -13.53 14.54
CA ILE A 63 18.67 -13.67 15.94
C ILE A 63 20.14 -14.01 16.18
N SER A 64 20.61 -13.65 17.38
CA SER A 64 21.95 -13.92 17.89
C SER A 64 23.05 -13.06 17.28
N ALA A 65 23.16 -13.07 15.95
CA ALA A 65 24.22 -12.38 15.23
C ALA A 65 23.82 -12.09 13.78
N PRO A 66 24.36 -11.01 13.17
CA PRO A 66 24.20 -10.78 11.74
C PRO A 66 25.20 -11.63 10.93
N ASN A 67 24.99 -12.95 10.92
CA ASN A 67 25.95 -13.91 10.36
C ASN A 67 25.41 -14.71 9.17
N GLN A 68 24.23 -14.31 8.69
CA GLN A 68 23.60 -14.97 7.57
C GLN A 68 22.63 -14.03 6.86
N PHE A 69 22.84 -13.86 5.54
CA PHE A 69 22.12 -12.90 4.69
C PHE A 69 21.60 -13.62 3.43
N ASN A 70 20.38 -13.27 3.02
CA ASN A 70 19.79 -13.77 1.78
C ASN A 70 19.58 -12.66 0.78
N VAL A 71 20.10 -12.85 -0.43
CA VAL A 71 19.99 -11.88 -1.51
C VAL A 71 19.56 -12.62 -2.77
N MET A 72 18.52 -12.11 -3.43
CA MET A 72 18.10 -12.63 -4.71
C MET A 72 18.65 -11.74 -5.81
N PHE A 73 19.26 -12.36 -6.82
CA PHE A 73 19.62 -11.70 -8.06
C PHE A 73 18.54 -12.09 -9.06
N LYS A 74 17.55 -11.20 -9.23
CA LYS A 74 16.37 -11.49 -10.02
C LYS A 74 16.53 -10.95 -11.44
N LEU A 75 16.07 -11.73 -12.42
CA LEU A 75 16.22 -11.43 -13.83
C LEU A 75 14.86 -11.52 -14.49
N GLU A 76 14.40 -10.40 -15.05
CA GLU A 76 13.13 -10.37 -15.77
C GLU A 76 13.31 -11.10 -17.07
N VAL A 77 12.47 -12.12 -17.28
CA VAL A 77 12.41 -12.86 -18.54
C VAL A 77 11.08 -12.52 -19.19
N PRO A 78 10.95 -12.66 -20.54
CA PRO A 78 9.70 -12.32 -21.23
C PRO A 78 8.59 -13.35 -20.95
N ARG A 79 7.68 -13.58 -21.91
CA ARG A 79 6.66 -14.63 -21.72
C ARG A 79 7.37 -15.98 -21.56
N ILE A 80 6.88 -16.83 -20.64
CA ILE A 80 7.50 -18.16 -20.42
C ILE A 80 6.41 -19.13 -19.95
N GLU A 81 5.96 -20.03 -20.83
CA GLU A 81 4.94 -21.02 -20.46
C GLU A 81 5.52 -21.85 -19.31
N LEU A 82 4.72 -22.07 -18.28
CA LEU A 82 5.18 -22.91 -17.15
C LEU A 82 4.34 -24.19 -17.18
N GLN A 83 4.95 -25.31 -16.80
CA GLN A 83 4.23 -26.57 -16.73
C GLN A 83 4.47 -27.11 -15.34
N GLU A 84 3.38 -27.33 -14.60
CA GLU A 84 3.47 -27.89 -13.26
C GLU A 84 4.09 -29.25 -13.37
N TYR A 85 5.08 -29.52 -12.50
CA TYR A 85 5.85 -30.79 -12.42
C TYR A 85 5.16 -31.76 -11.45
N TYR A 86 4.32 -32.65 -11.99
CA TYR A 86 3.60 -33.74 -11.28
C TYR A 86 2.91 -33.19 -10.01
N GLU A 87 1.94 -32.29 -10.20
CA GLU A 87 0.98 -31.91 -9.17
C GLU A 87 1.54 -31.53 -7.77
N THR A 88 2.84 -31.22 -7.71
CA THR A 88 3.50 -30.77 -6.49
C THR A 88 3.03 -29.37 -6.03
N GLY A 89 2.72 -28.53 -7.01
CA GLY A 89 2.26 -27.17 -6.78
C GLY A 89 3.37 -26.16 -6.79
N ALA A 90 4.55 -26.56 -6.31
CA ALA A 90 5.68 -25.65 -6.11
C ALA A 90 6.80 -25.75 -7.16
N PHE A 91 6.86 -26.88 -7.88
CA PHE A 91 7.89 -27.12 -8.89
C PHE A 91 7.27 -27.11 -10.29
N TYR A 92 8.02 -26.54 -11.25
CA TYR A 92 7.60 -26.29 -12.67
C TYR A 92 8.79 -26.47 -13.61
N LEU A 93 8.52 -26.75 -14.89
CA LEU A 93 9.49 -26.60 -15.99
C LEU A 93 9.17 -25.26 -16.62
N VAL A 94 10.13 -24.67 -17.35
CA VAL A 94 9.97 -23.32 -17.91
C VAL A 94 10.27 -23.28 -19.39
N LYS A 95 9.53 -22.46 -20.15
CA LYS A 95 9.69 -22.36 -21.62
C LYS A 95 9.65 -20.96 -22.23
N PRO A 104 20.49 -12.58 -23.82
CA PRO A 104 20.41 -13.51 -24.94
C PRO A 104 19.84 -14.85 -24.43
N LEU A 105 20.47 -15.41 -23.39
CA LEU A 105 19.90 -16.48 -22.54
C LEU A 105 19.82 -17.83 -23.23
N SER A 106 20.07 -17.82 -24.54
CA SER A 106 19.72 -18.93 -25.43
C SER A 106 20.63 -20.17 -25.29
N HIS A 107 21.63 -20.06 -24.40
CA HIS A 107 22.67 -21.08 -24.21
C HIS A 107 22.39 -22.08 -23.06
N PHE A 108 21.30 -21.85 -22.30
CA PHE A 108 20.87 -22.77 -21.24
C PHE A 108 19.57 -23.53 -21.57
N LEU A 109 19.26 -23.65 -22.86
CA LEU A 109 17.99 -24.21 -23.33
C LEU A 109 18.17 -25.63 -23.84
N GLU A 110 17.30 -26.53 -23.39
CA GLU A 110 17.25 -27.90 -23.89
C GLU A 110 15.96 -28.03 -24.69
N GLY A 111 16.06 -27.87 -26.01
CA GLY A 111 14.92 -27.72 -26.89
C GLY A 111 14.11 -26.52 -26.40
N GLU A 112 12.87 -26.77 -25.95
CA GLU A 112 11.96 -25.74 -25.41
C GLU A 112 12.32 -25.30 -23.98
N VAL A 113 13.01 -26.15 -23.24
CA VAL A 113 13.08 -26.03 -21.77
C VAL A 113 14.32 -25.28 -21.28
N LEU A 114 14.08 -24.39 -20.31
CA LEU A 114 15.12 -23.63 -19.64
C LEU A 114 15.59 -24.38 -18.40
N SER A 115 16.83 -24.89 -18.49
CA SER A 115 17.46 -25.72 -17.46
C SER A 115 17.90 -24.90 -16.27
N ALA A 116 17.44 -25.31 -15.08
CA ALA A 116 17.86 -24.72 -13.83
C ALA A 116 19.35 -24.93 -13.62
N THR A 117 19.76 -26.20 -13.67
CA THR A 117 21.13 -26.54 -13.31
C THR A 117 22.13 -25.90 -14.26
N LYS A 118 21.86 -25.94 -15.57
CA LYS A 118 22.78 -25.34 -16.54
C LYS A 118 22.90 -23.84 -16.27
N MET A 119 21.78 -23.20 -15.97
CA MET A 119 21.78 -21.77 -15.72
C MET A 119 22.45 -21.41 -14.36
N LEU A 120 22.10 -22.17 -13.30
CA LEU A 120 22.74 -22.04 -11.99
C LEU A 120 24.27 -22.24 -12.06
N SER A 121 24.68 -23.25 -12.82
CA SER A 121 26.09 -23.55 -12.97
C SER A 121 26.84 -22.34 -13.48
N LYS A 122 26.31 -21.73 -14.55
CA LYS A 122 26.99 -20.62 -15.19
C LYS A 122 27.02 -19.41 -14.26
N PHE A 123 25.91 -19.21 -13.54
CA PHE A 123 25.79 -18.18 -12.52
C PHE A 123 26.89 -18.36 -11.50
N ARG A 124 27.11 -19.62 -11.09
CA ARG A 124 28.08 -20.02 -10.06
C ARG A 124 29.51 -19.80 -10.58
N LYS A 125 29.83 -20.35 -11.75
CA LYS A 125 31.13 -20.17 -12.41
C LYS A 125 31.57 -18.70 -12.38
N ILE A 126 30.62 -17.79 -12.59
CA ILE A 126 30.88 -16.36 -12.67
C ILE A 126 31.19 -15.80 -11.30
N ILE A 127 30.31 -16.11 -10.33
CA ILE A 127 30.49 -15.65 -8.96
C ILE A 127 31.88 -16.07 -8.44
N LYS A 128 32.25 -17.32 -8.71
CA LYS A 128 33.49 -17.91 -8.20
C LYS A 128 34.70 -17.20 -8.73
N GLU A 129 34.61 -16.80 -10.01
CA GLU A 129 35.66 -16.07 -10.71
C GLU A 129 35.85 -14.73 -10.07
N GLU A 130 34.73 -14.02 -9.89
CA GLU A 130 34.77 -12.67 -9.35
C GLU A 130 35.28 -12.62 -7.91
N VAL A 131 34.81 -13.55 -7.07
CA VAL A 131 35.26 -13.62 -5.68
C VAL A 131 36.76 -13.88 -5.57
N LYS A 132 37.31 -14.66 -6.50
CA LYS A 132 38.73 -15.03 -6.49
C LYS A 132 39.64 -13.83 -6.78
N GLU A 133 39.08 -12.73 -7.31
CA GLU A 133 39.84 -11.51 -7.57
C GLU A 133 39.63 -10.38 -6.56
N ILE A 134 39.04 -10.79 -5.38
CA ILE A 134 38.85 -9.91 -4.24
C ILE A 134 39.95 -10.20 -3.23
N LYS A 135 40.86 -9.24 -3.08
CA LYS A 135 41.92 -9.28 -2.07
C LYS A 135 41.71 -8.27 -0.90
N ASP A 136 40.72 -7.38 -1.07
CA ASP A 136 40.14 -6.49 -0.05
C ASP A 136 39.72 -7.19 1.24
N ILE A 137 39.06 -8.35 1.09
CA ILE A 137 38.47 -9.09 2.20
C ILE A 137 38.43 -10.60 1.95
N ASP A 138 38.46 -11.34 3.07
CA ASP A 138 38.57 -12.79 3.11
C ASP A 138 37.20 -13.41 2.84
N VAL A 139 37.03 -13.92 1.61
CA VAL A 139 35.78 -14.48 1.15
C VAL A 139 36.00 -15.62 0.16
N SER A 140 35.53 -16.82 0.54
CA SER A 140 35.55 -18.03 -0.28
C SER A 140 34.11 -18.40 -0.65
N VAL A 141 33.94 -19.40 -1.53
CA VAL A 141 32.63 -19.86 -1.95
C VAL A 141 32.44 -21.28 -1.44
N GLU A 142 31.41 -21.48 -0.61
CA GLU A 142 31.11 -22.76 0.01
C GLU A 142 30.89 -23.82 -1.07
N LYS A 143 31.31 -25.05 -0.78
CA LYS A 143 31.01 -26.23 -1.58
C LYS A 143 29.51 -26.26 -1.93
N GLU A 144 29.18 -26.73 -3.14
CA GLU A 144 27.80 -26.75 -3.64
C GLU A 144 27.00 -27.83 -2.94
N LYS A 145 25.79 -27.47 -2.49
CA LYS A 145 24.84 -28.38 -1.87
C LYS A 145 23.86 -28.79 -2.95
N PRO A 146 23.73 -30.09 -3.29
CA PRO A 146 22.78 -30.52 -4.33
C PRO A 146 21.34 -30.05 -4.07
N GLY A 147 20.65 -29.60 -5.14
CA GLY A 147 19.31 -29.01 -5.03
C GLY A 147 19.13 -27.87 -4.03
N SER A 148 20.20 -27.10 -3.78
CA SER A 148 20.08 -25.77 -3.21
C SER A 148 20.11 -24.80 -4.38
N PRO A 149 19.26 -23.75 -4.38
CA PRO A 149 19.33 -22.71 -5.40
C PRO A 149 20.44 -21.66 -5.16
N ALA A 150 21.11 -21.73 -4.00
CA ALA A 150 22.02 -20.69 -3.54
C ALA A 150 23.43 -20.92 -4.01
N VAL A 151 24.15 -19.83 -4.22
CA VAL A 151 25.61 -19.80 -4.25
C VAL A 151 25.99 -19.10 -2.96
N THR A 152 26.68 -19.83 -2.07
CA THR A 152 26.89 -19.40 -0.71
C THR A 152 28.33 -18.93 -0.52
N LEU A 153 28.46 -17.68 -0.07
CA LEU A 153 29.74 -17.06 0.23
C LEU A 153 30.01 -17.20 1.71
N LEU A 154 31.27 -17.45 2.09
CA LEU A 154 31.71 -17.46 3.47
C LEU A 154 32.71 -16.33 3.65
N ILE A 155 32.30 -15.25 4.31
CA ILE A 155 33.16 -14.13 4.66
C ILE A 155 33.70 -14.44 6.04
N ARG A 156 35.01 -14.27 6.23
CA ARG A 156 35.71 -14.48 7.52
C ARG A 156 35.80 -13.14 8.26
N ASN A 157 35.68 -12.00 7.55
CA ASN A 157 35.67 -10.65 8.15
C ASN A 157 36.83 -10.69 9.12
N PRO A 158 36.66 -10.34 10.41
CA PRO A 158 37.34 -11.11 11.48
C PRO A 158 36.47 -12.32 11.90
N GLU A 159 35.13 -12.20 11.80
CA GLU A 159 34.15 -13.23 12.22
C GLU A 159 33.31 -13.85 11.07
N GLU A 160 32.71 -15.02 11.32
CA GLU A 160 32.04 -15.80 10.27
C GLU A 160 30.63 -15.28 9.88
N ILE A 161 30.48 -14.93 8.60
CA ILE A 161 29.24 -14.42 7.99
C ILE A 161 29.04 -15.14 6.68
N SER A 162 27.89 -15.78 6.48
CA SER A 162 27.59 -16.39 5.19
C SER A 162 26.46 -15.66 4.47
N VAL A 163 26.61 -15.53 3.15
CA VAL A 163 25.65 -14.89 2.27
C VAL A 163 25.21 -15.87 1.20
N ASP A 164 23.90 -16.08 1.08
CA ASP A 164 23.32 -16.90 0.04
C ASP A 164 22.87 -16.00 -1.08
N ILE A 165 23.46 -16.18 -2.27
CA ILE A 165 23.07 -15.45 -3.46
C ILE A 165 22.24 -16.37 -4.30
N ILE A 166 20.97 -16.00 -4.46
CA ILE A 166 19.96 -16.85 -5.04
C ILE A 166 19.55 -16.27 -6.39
N LEU A 167 19.84 -17.02 -7.45
CA LEU A 167 19.39 -16.69 -8.79
C LEU A 167 17.88 -16.75 -8.82
N ALA A 168 17.24 -15.81 -9.50
CA ALA A 168 15.77 -15.80 -9.60
C ALA A 168 15.28 -15.31 -10.94
N LEU A 169 14.36 -16.08 -11.53
CA LEU A 169 13.62 -15.64 -12.68
C LEU A 169 12.41 -14.86 -12.19
N GLU A 170 12.19 -13.66 -12.76
CA GLU A 170 11.04 -12.83 -12.48
C GLU A 170 10.02 -12.94 -13.62
N SER A 171 8.79 -13.34 -13.28
CA SER A 171 7.63 -13.28 -14.18
C SER A 171 6.57 -12.31 -13.66
N LYS A 172 6.00 -11.52 -14.56
CA LYS A 172 5.03 -10.49 -14.21
C LYS A 172 3.60 -10.91 -14.44
N GLY A 173 3.41 -12.14 -14.91
CA GLY A 173 2.07 -12.66 -15.14
C GLY A 173 1.36 -12.94 -13.85
N SER A 174 0.06 -13.24 -13.98
CA SER A 174 -0.71 -13.73 -12.86
C SER A 174 0.03 -14.90 -12.24
N TRP A 175 -0.09 -15.05 -10.92
CA TRP A 175 0.58 -16.14 -10.24
C TRP A 175 0.00 -17.46 -10.74
N PRO A 176 0.72 -18.59 -10.53
CA PRO A 176 0.19 -19.90 -10.88
C PRO A 176 -1.08 -20.28 -10.11
N ILE A 177 -1.91 -21.13 -10.70
CA ILE A 177 -3.20 -21.54 -10.08
C ILE A 177 -2.93 -22.23 -8.76
N SER A 178 -1.79 -22.90 -8.63
CA SER A 178 -1.45 -23.62 -7.39
C SER A 178 -1.60 -22.67 -6.23
N THR A 179 -1.54 -21.37 -6.52
CA THR A 179 -1.55 -20.37 -5.46
C THR A 179 -2.87 -19.63 -5.29
N LYS A 180 -3.90 -20.04 -6.04
CA LYS A 180 -5.15 -19.30 -6.10
C LYS A 180 -5.76 -19.18 -4.71
N GLU A 181 -5.90 -20.33 -4.04
CA GLU A 181 -6.44 -20.41 -2.69
C GLU A 181 -5.38 -20.16 -1.65
N GLY A 182 -4.18 -19.73 -2.07
CA GLY A 182 -3.09 -19.48 -1.16
C GLY A 182 -3.22 -18.09 -0.60
N LEU A 183 -2.32 -17.74 0.32
CA LEU A 183 -2.19 -16.38 0.90
C LEU A 183 -3.53 -15.92 1.50
N PRO A 184 -4.07 -16.69 2.47
CA PRO A 184 -5.40 -16.43 3.02
C PRO A 184 -5.39 -15.30 4.07
N ILE A 185 -5.02 -14.09 3.64
CA ILE A 185 -4.86 -12.91 4.52
C ILE A 185 -6.12 -12.03 4.64
N GLN A 186 -7.23 -12.43 4.03
CA GLN A 186 -8.46 -11.60 3.91
C GLN A 186 -9.04 -11.06 5.22
N GLY A 187 -9.02 -11.88 6.26
CA GLY A 187 -9.52 -11.49 7.56
C GLY A 187 -8.48 -10.77 8.40
N TRP A 188 -7.27 -10.64 7.87
CA TRP A 188 -6.11 -10.15 8.62
C TRP A 188 -5.49 -8.89 8.02
N LEU A 189 -4.90 -9.00 6.83
CA LEU A 189 -4.33 -7.85 6.12
C LEU A 189 -5.30 -7.29 5.06
N GLY A 190 -6.26 -8.13 4.63
CA GLY A 190 -7.39 -7.72 3.83
C GLY A 190 -7.33 -8.01 2.33
N THR A 191 -8.44 -7.72 1.65
CA THR A 191 -8.58 -7.98 0.23
C THR A 191 -7.77 -7.03 -0.66
N LYS A 192 -7.74 -5.73 -0.33
CA LYS A 192 -6.89 -4.82 -1.10
C LYS A 192 -5.40 -5.22 -1.02
N VAL A 193 -4.88 -5.45 0.19
CA VAL A 193 -3.50 -5.86 0.37
C VAL A 193 -3.22 -7.11 -0.48
N ARG A 194 -4.12 -8.09 -0.42
CA ARG A 194 -3.96 -9.37 -1.16
C ARG A 194 -3.94 -9.12 -2.67
N THR A 195 -4.90 -8.35 -3.18
CA THR A 195 -4.97 -8.09 -4.60
C THR A 195 -3.69 -7.42 -5.05
N ASN A 196 -3.22 -6.44 -4.28
CA ASN A 196 -2.01 -5.70 -4.61
C ASN A 196 -0.80 -6.58 -4.62
N LEU A 197 -0.64 -7.38 -3.57
CA LEU A 197 0.45 -8.34 -3.48
C LEU A 197 0.49 -9.29 -4.67
N ARG A 198 -0.67 -9.71 -5.17
CA ARG A 198 -0.79 -10.74 -6.24
C ARG A 198 -0.60 -10.10 -7.62
N ARG A 199 -0.57 -8.76 -7.68
CA ARG A 199 -0.16 -7.97 -8.87
C ARG A 199 1.36 -7.83 -8.93
N GLU A 200 2.04 -8.03 -7.81
CA GLU A 200 3.49 -8.08 -7.82
C GLU A 200 3.90 -9.29 -8.66
N PRO A 201 5.10 -9.28 -9.26
CA PRO A 201 5.59 -10.46 -9.98
C PRO A 201 5.79 -11.66 -9.03
N PHE A 202 5.89 -12.87 -9.60
CA PHE A 202 6.32 -14.04 -8.85
C PHE A 202 7.70 -14.48 -9.32
N TYR A 203 8.38 -15.29 -8.52
CA TYR A 203 9.80 -15.66 -8.75
C TYR A 203 9.95 -17.18 -8.84
N LEU A 204 10.96 -17.60 -9.60
CA LEU A 204 11.31 -19.00 -9.76
C LEU A 204 12.80 -19.07 -9.45
N VAL A 205 13.16 -20.03 -8.60
CA VAL A 205 14.54 -20.21 -8.24
C VAL A 205 14.94 -21.63 -8.62
N PRO A 206 16.24 -21.87 -8.92
CA PRO A 206 16.70 -23.18 -9.36
C PRO A 206 16.90 -24.13 -8.16
N LYS A 207 15.82 -24.50 -7.48
CA LYS A 207 15.84 -25.56 -6.52
C LYS A 207 15.23 -26.69 -7.31
N ASN A 208 15.95 -27.80 -7.39
CA ASN A 208 15.46 -28.93 -8.15
C ASN A 208 14.56 -29.75 -7.24
N ALA A 209 13.73 -30.61 -7.82
CA ALA A 209 13.00 -31.66 -7.11
C ALA A 209 13.78 -32.98 -7.14
N GLN A 216 14.22 -33.50 -13.47
CA GLN A 216 14.82 -33.16 -12.16
C GLN A 216 15.67 -31.91 -12.24
N GLY A 217 16.76 -32.00 -13.01
CA GLY A 217 17.77 -30.99 -13.12
C GLY A 217 17.34 -29.72 -13.84
N GLU A 218 16.17 -29.79 -14.52
CA GLU A 218 15.59 -28.65 -15.22
C GLU A 218 14.40 -27.98 -14.49
N THR A 219 14.03 -28.50 -13.30
CA THR A 219 12.91 -28.00 -12.50
C THR A 219 13.30 -26.76 -11.71
N TRP A 220 12.42 -25.75 -11.72
CA TRP A 220 12.56 -24.56 -10.89
C TRP A 220 11.50 -24.60 -9.81
N ARG A 221 11.60 -23.70 -8.84
CA ARG A 221 10.67 -23.64 -7.68
C ARG A 221 10.16 -22.21 -7.47
N LEU A 222 8.88 -22.08 -7.12
CA LEU A 222 8.26 -20.79 -6.84
C LEU A 222 8.87 -20.14 -5.63
N SER A 223 9.01 -18.81 -5.67
CA SER A 223 9.45 -18.00 -4.54
C SER A 223 8.53 -16.81 -4.29
N PHE A 224 8.19 -16.62 -3.01
CA PHE A 224 7.47 -15.47 -2.52
C PHE A 224 8.23 -14.84 -1.36
N SER A 225 9.56 -14.78 -1.46
CA SER A 225 10.39 -14.17 -0.43
C SER A 225 10.09 -12.69 -0.31
N HIS A 226 9.79 -12.05 -1.45
CA HIS A 226 9.37 -10.64 -1.52
C HIS A 226 8.05 -10.40 -0.80
N THR A 227 7.11 -11.32 -0.98
CA THR A 227 5.83 -11.24 -0.33
C THR A 227 5.94 -11.47 1.19
N GLU A 228 6.74 -12.46 1.59
CA GLU A 228 6.99 -12.78 2.97
C GLU A 228 7.62 -11.58 3.71
N LYS A 229 8.51 -10.87 3.00
CA LYS A 229 9.18 -9.68 3.52
C LYS A 229 8.18 -8.56 3.78
N TYR A 230 7.30 -8.32 2.81
CA TYR A 230 6.21 -7.33 2.96
C TYR A 230 5.40 -7.73 4.21
N ILE A 231 4.97 -8.99 4.30
CA ILE A 231 4.11 -9.41 5.41
C ILE A 231 4.78 -9.20 6.75
N LEU A 232 6.06 -9.58 6.84
CA LEU A 232 6.80 -9.41 8.09
C LEU A 232 6.81 -7.95 8.51
N ASN A 233 7.01 -7.02 7.56
CA ASN A 233 7.11 -5.60 7.88
C ASN A 233 5.79 -4.84 7.85
N ASN A 234 4.68 -5.56 7.60
CA ASN A 234 3.33 -5.02 7.59
C ASN A 234 2.37 -6.07 8.13
N HIS A 235 2.58 -6.45 9.39
CA HIS A 235 2.04 -7.71 9.94
C HIS A 235 0.74 -7.54 10.74
N GLY A 236 0.26 -6.30 10.86
CA GLY A 236 -0.86 -5.96 11.74
C GLY A 236 -2.18 -5.86 11.01
N ILE A 237 -3.27 -6.09 11.73
CA ILE A 237 -4.60 -5.73 11.24
C ILE A 237 -4.77 -4.19 11.24
N GLU A 238 -4.20 -3.52 12.26
CA GLU A 238 -4.12 -2.08 12.28
C GLU A 238 -2.89 -1.61 11.55
N LYS A 239 -3.07 -0.55 10.77
CA LYS A 239 -2.02 0.07 10.00
C LYS A 239 -0.92 0.58 10.90
N THR A 240 -1.25 0.89 12.16
CA THR A 240 -0.25 1.41 13.10
C THR A 240 0.46 0.38 13.95
N CYS A 241 0.17 -0.91 13.77
CA CYS A 241 0.89 -1.97 14.52
C CYS A 241 2.39 -1.72 14.45
N CYS A 242 3.02 -1.61 15.62
CA CYS A 242 4.46 -1.48 15.76
C CYS A 242 5.07 -0.17 15.23
N GLU A 243 4.24 0.82 14.94
CA GLU A 243 4.69 2.13 14.52
C GLU A 243 4.79 3.06 15.70
N SER A 244 5.39 4.24 15.47
CA SER A 244 5.65 5.20 16.51
C SER A 244 4.39 5.83 17.15
N SER A 245 3.24 5.81 16.46
CA SER A 245 1.95 6.28 17.02
C SER A 245 0.93 5.17 17.11
N GLY A 246 1.44 3.94 17.26
CA GLY A 246 0.64 2.76 17.43
C GLY A 246 1.14 1.97 18.62
N ALA A 247 0.65 0.73 18.69
CA ALA A 247 0.87 -0.18 19.78
C ALA A 247 1.77 -1.26 19.24
N LYS A 248 2.76 -1.61 20.06
CA LYS A 248 3.68 -2.69 19.79
C LYS A 248 2.92 -4.02 19.98
N CYS A 249 3.17 -4.98 19.07
CA CYS A 249 2.69 -6.36 19.24
C CYS A 249 3.91 -7.18 19.57
N CYS A 250 3.72 -8.48 19.80
CA CYS A 250 4.81 -9.41 20.03
C CYS A 250 4.90 -10.48 18.95
N ARG A 251 4.38 -10.20 17.77
CA ARG A 251 4.35 -11.15 16.63
C ARG A 251 5.78 -11.52 16.24
N LYS A 252 6.67 -10.55 16.02
CA LYS A 252 8.05 -10.83 15.59
C LYS A 252 8.87 -11.51 16.68
N GLU A 253 8.61 -11.12 17.92
CA GLU A 253 9.27 -11.68 19.09
C GLU A 253 8.99 -13.18 19.22
N CYS A 254 7.73 -13.57 18.93
CA CYS A 254 7.34 -14.98 18.94
C CYS A 254 8.08 -15.70 17.85
N LEU A 255 8.24 -15.06 16.70
CA LEU A 255 8.93 -15.69 15.60
C LEU A 255 10.37 -15.94 16.02
N LYS A 256 11.03 -14.95 16.62
CA LYS A 256 12.41 -15.10 17.05
C LYS A 256 12.60 -16.26 18.02
N LEU A 257 11.75 -16.31 19.05
CA LEU A 257 11.82 -17.33 20.09
C LEU A 257 11.67 -18.73 19.50
N MET A 258 10.78 -18.87 18.52
CA MET A 258 10.53 -20.15 17.87
C MET A 258 11.73 -20.56 17.00
N LYS A 259 12.31 -19.59 16.28
CA LYS A 259 13.49 -19.86 15.45
C LYS A 259 14.65 -20.33 16.29
N TYR A 260 14.83 -19.67 17.45
CA TYR A 260 15.92 -19.93 18.42
C TYR A 260 15.73 -21.32 19.04
N LEU A 261 14.50 -21.71 19.34
CA LEU A 261 14.26 -23.05 19.87
C LEU A 261 14.71 -24.09 18.86
N LEU A 262 14.42 -23.83 17.57
CA LEU A 262 14.80 -24.75 16.50
C LEU A 262 16.32 -24.76 16.25
N GLU A 263 16.94 -23.59 16.15
CA GLU A 263 18.39 -23.46 15.99
C GLU A 263 19.16 -24.23 17.09
N GLN A 264 18.75 -23.99 18.35
CA GLN A 264 19.38 -24.63 19.48
C GLN A 264 19.25 -26.15 19.40
N LEU A 265 18.05 -26.64 19.09
CA LEU A 265 17.84 -28.09 19.01
C LEU A 265 18.60 -28.64 17.84
N LYS A 266 18.56 -27.91 16.73
CA LYS A 266 19.17 -28.37 15.49
C LYS A 266 20.67 -28.54 15.62
N LYS A 267 21.33 -27.61 16.30
CA LYS A 267 22.78 -27.70 16.44
C LYS A 267 23.25 -28.79 17.41
N GLU A 268 22.33 -29.29 18.25
CA GLU A 268 22.57 -30.36 19.19
C GLU A 268 22.18 -31.74 18.70
N PHE A 269 21.11 -31.84 17.93
CA PHE A 269 20.58 -33.14 17.47
C PHE A 269 20.49 -33.23 15.96
N GLN A 270 21.29 -34.15 15.41
CA GLN A 270 21.36 -34.46 13.99
C GLN A 270 20.04 -35.02 13.44
N GLU A 271 19.27 -35.66 14.31
CA GLU A 271 17.91 -36.15 14.01
C GLU A 271 16.98 -35.08 13.44
N LEU A 272 17.31 -33.81 13.66
CA LEU A 272 16.48 -32.71 13.22
C LEU A 272 16.97 -32.02 11.95
N ASP A 273 17.77 -32.73 11.14
CA ASP A 273 18.29 -32.19 9.90
C ASP A 273 17.21 -31.86 8.88
N ALA A 274 16.12 -32.61 8.90
CA ALA A 274 15.01 -32.40 7.97
C ALA A 274 14.30 -31.06 8.18
N PHE A 275 14.40 -30.48 9.37
CA PHE A 275 13.70 -29.24 9.73
C PHE A 275 14.55 -27.99 9.50
N CYS A 276 13.87 -26.88 9.19
CA CYS A 276 14.52 -25.62 8.86
C CYS A 276 13.64 -24.48 9.35
N SER A 277 14.14 -23.25 9.25
CA SER A 277 13.43 -22.14 9.82
C SER A 277 12.20 -21.79 8.99
N TYR A 278 12.18 -22.18 7.71
CA TYR A 278 11.04 -21.89 6.81
C TYR A 278 9.78 -22.59 7.36
N HIS A 279 9.96 -23.74 8.01
CA HIS A 279 8.86 -24.42 8.67
C HIS A 279 8.25 -23.56 9.79
N VAL A 280 9.10 -22.95 10.63
CA VAL A 280 8.56 -22.12 11.72
C VAL A 280 7.91 -20.88 11.17
N LYS A 281 8.51 -20.31 10.11
CA LYS A 281 7.95 -19.13 9.44
C LYS A 281 6.57 -19.42 8.84
N THR A 282 6.47 -20.55 8.15
CA THR A 282 5.23 -21.01 7.55
C THR A 282 4.13 -21.20 8.61
N ALA A 283 4.48 -21.83 9.75
CA ALA A 283 3.53 -22.08 10.83
C ALA A 283 3.01 -20.79 11.48
N ILE A 284 3.91 -19.81 11.64
CA ILE A 284 3.54 -18.56 12.27
C ILE A 284 2.66 -17.74 11.32
N PHE A 285 2.89 -17.85 10.00
CA PHE A 285 1.97 -17.19 9.04
C PHE A 285 0.54 -17.72 9.22
N HIS A 286 0.42 -19.03 9.45
CA HIS A 286 -0.85 -19.67 9.73
C HIS A 286 -1.46 -19.18 11.03
N MET A 287 -0.65 -19.05 12.09
CA MET A 287 -1.12 -18.55 13.38
C MET A 287 -1.55 -17.10 13.31
N TRP A 288 -0.79 -16.30 12.56
CA TRP A 288 -1.16 -14.90 12.34
C TRP A 288 -2.51 -14.77 11.59
N THR A 289 -2.84 -15.78 10.78
CA THR A 289 -4.09 -15.81 10.03
C THR A 289 -5.25 -16.23 10.94
N GLN A 290 -5.00 -17.27 11.71
CA GLN A 290 -5.93 -17.82 12.65
C GLN A 290 -6.30 -16.82 13.79
N ASP A 291 -5.31 -16.05 14.24
CA ASP A 291 -5.46 -15.02 15.29
C ASP A 291 -5.07 -13.68 14.70
N PRO A 292 -5.97 -13.06 13.92
CA PRO A 292 -5.63 -11.84 13.17
C PRO A 292 -5.51 -10.56 13.98
N GLN A 293 -6.21 -10.44 15.12
CA GLN A 293 -6.27 -9.20 15.90
C GLN A 293 -4.92 -8.88 16.56
N ASP A 294 -4.52 -7.61 16.50
CA ASP A 294 -3.26 -7.18 17.12
C ASP A 294 -3.27 -7.45 18.64
N SER A 295 -4.47 -7.49 19.24
CA SER A 295 -4.65 -7.64 20.66
C SER A 295 -4.48 -9.09 21.10
N GLN A 296 -4.54 -10.01 20.13
CA GLN A 296 -4.18 -11.39 20.35
C GLN A 296 -2.66 -11.56 20.31
N TRP A 297 -1.93 -10.46 20.08
CA TRP A 297 -0.46 -10.49 20.12
C TRP A 297 0.05 -9.35 21.00
N ASP A 298 -0.62 -9.13 22.14
CA ASP A 298 -0.18 -8.14 23.10
C ASP A 298 1.14 -8.55 23.78
N PRO A 299 2.12 -7.63 23.86
CA PRO A 299 3.41 -7.89 24.52
C PRO A 299 3.33 -8.44 25.95
N ARG A 300 2.29 -8.07 26.70
CA ARG A 300 2.05 -8.54 28.08
C ARG A 300 1.68 -10.04 28.06
N ASN A 301 1.25 -10.57 26.90
CA ASN A 301 0.90 -12.00 26.76
C ASN A 301 1.89 -12.84 25.93
N LEU A 302 3.14 -12.39 25.89
CA LEU A 302 4.22 -13.07 25.18
C LEU A 302 4.30 -14.56 25.49
N SER A 303 4.19 -14.93 26.77
CA SER A 303 4.18 -16.35 27.17
C SER A 303 3.06 -17.15 26.52
N SER A 304 1.81 -16.69 26.66
CA SER A 304 0.65 -17.34 26.06
C SER A 304 0.82 -17.44 24.55
N CYS A 305 1.29 -16.35 23.93
CA CYS A 305 1.43 -16.27 22.48
C CYS A 305 2.47 -17.28 21.95
N PHE A 306 3.62 -17.34 22.63
CA PHE A 306 4.69 -18.23 22.25
C PHE A 306 4.21 -19.64 22.44
N ASP A 307 3.52 -19.88 23.56
CA ASP A 307 2.98 -21.18 23.92
C ASP A 307 1.90 -21.66 22.96
N LYS A 308 1.03 -20.74 22.51
CA LYS A 308 0.00 -21.13 21.58
C LYS A 308 0.63 -21.45 20.22
N LEU A 309 1.72 -20.75 19.88
CA LEU A 309 2.47 -21.04 18.66
C LEU A 309 3.11 -22.44 18.73
N LEU A 310 3.67 -22.78 19.90
CA LEU A 310 4.25 -24.10 20.12
C LEU A 310 3.20 -25.19 20.02
N ALA A 311 2.03 -24.96 20.63
CA ALA A 311 0.93 -25.91 20.62
C ALA A 311 0.51 -26.17 19.17
N PHE A 312 0.42 -25.10 18.36
CA PHE A 312 0.09 -25.17 16.94
C PHE A 312 1.09 -26.02 16.14
N PHE A 313 2.39 -25.74 16.38
CA PHE A 313 3.47 -26.43 15.70
C PHE A 313 3.46 -27.94 16.03
N LEU A 314 3.14 -28.28 17.28
CA LEU A 314 3.07 -29.68 17.71
C LEU A 314 1.94 -30.43 17.05
N GLU A 315 0.86 -29.70 16.73
CA GLU A 315 -0.32 -30.29 16.10
C GLU A 315 0.02 -30.59 14.64
N CYS A 316 0.74 -29.66 14.00
CA CYS A 316 1.32 -29.84 12.67
C CYS A 316 2.21 -31.11 12.61
N LEU A 317 3.09 -31.29 13.60
CA LEU A 317 3.96 -32.46 13.63
C LEU A 317 3.17 -33.76 13.82
N ARG A 318 2.24 -33.78 14.77
CA ARG A 318 1.50 -35.00 15.18
C ARG A 318 0.61 -35.44 14.03
N THR A 319 -0.07 -34.50 13.37
CA THR A 319 -0.94 -34.77 12.21
C THR A 319 -0.21 -34.73 10.84
N GLU A 320 1.12 -34.60 10.87
CA GLU A 320 1.94 -34.60 9.66
C GLU A 320 1.45 -33.59 8.59
N LYS A 321 1.06 -32.39 9.04
CA LYS A 321 0.47 -31.40 8.16
C LYS A 321 0.88 -29.93 8.45
N LEU A 322 1.59 -29.33 7.48
CA LEU A 322 1.99 -27.93 7.50
C LEU A 322 2.02 -27.48 6.04
N ASP A 323 0.90 -26.90 5.59
CA ASP A 323 0.71 -26.46 4.23
C ASP A 323 1.50 -25.22 3.96
N HIS A 324 2.15 -25.18 2.79
CA HIS A 324 2.77 -23.96 2.28
C HIS A 324 1.73 -22.88 2.32
N TYR A 325 2.12 -21.70 2.80
CA TYR A 325 1.19 -20.55 3.01
C TYR A 325 0.70 -19.99 1.68
N PHE A 326 1.50 -20.15 0.61
CA PHE A 326 1.20 -19.63 -0.71
C PHE A 326 0.68 -20.70 -1.65
N ILE A 327 0.92 -21.97 -1.31
CA ILE A 327 0.61 -23.11 -2.15
C ILE A 327 -0.05 -24.16 -1.26
N PRO A 328 -1.38 -24.07 -1.03
CA PRO A 328 -2.07 -24.90 -0.06
C PRO A 328 -1.93 -26.42 -0.24
N LYS A 329 -1.82 -26.92 -1.47
CA LYS A 329 -1.75 -28.36 -1.69
C LYS A 329 -0.39 -28.97 -1.39
N PHE A 330 0.62 -28.12 -1.14
CA PHE A 330 2.00 -28.53 -0.86
C PHE A 330 2.27 -28.62 0.65
N ASN A 331 2.31 -29.86 1.14
CA ASN A 331 2.55 -30.21 2.53
C ASN A 331 4.04 -30.39 2.83
N LEU A 332 4.61 -29.44 3.59
CA LEU A 332 6.01 -29.47 3.98
C LEU A 332 6.32 -30.61 4.96
N PHE A 333 5.29 -31.10 5.64
CA PHE A 333 5.40 -32.18 6.64
C PHE A 333 4.79 -33.48 6.14
N SER A 334 4.76 -33.69 4.82
CA SER A 334 4.29 -34.96 4.26
C SER A 334 5.18 -36.09 4.81
N GLN A 335 4.72 -37.34 4.71
CA GLN A 335 5.49 -38.46 5.25
C GLN A 335 6.73 -38.77 4.39
N GLU A 336 6.67 -38.41 3.10
CA GLU A 336 7.89 -38.15 2.32
C GLU A 336 8.34 -36.75 2.71
N LEU A 337 9.55 -36.35 2.31
CA LEU A 337 10.19 -35.15 2.87
C LEU A 337 10.64 -35.34 4.31
N ILE A 338 9.72 -35.69 5.20
CA ILE A 338 10.07 -35.87 6.61
C ILE A 338 9.47 -37.13 7.21
N ASP A 339 10.34 -37.97 7.75
CA ASP A 339 9.94 -39.21 8.40
C ASP A 339 9.15 -38.95 9.68
N ARG A 340 8.14 -39.79 9.94
CA ARG A 340 7.33 -39.75 11.20
C ARG A 340 8.27 -39.72 12.40
N LYS A 341 9.33 -40.54 12.36
CA LYS A 341 10.34 -40.63 13.40
C LYS A 341 10.90 -39.25 13.73
N SER A 342 11.33 -38.52 12.69
CA SER A 342 11.87 -37.18 12.85
C SER A 342 10.89 -36.30 13.56
N LYS A 343 9.59 -36.47 13.23
CA LYS A 343 8.52 -35.66 13.75
C LYS A 343 8.20 -35.98 15.19
N GLU A 344 8.12 -37.28 15.50
CA GLU A 344 7.97 -37.75 16.88
C GLU A 344 9.13 -37.25 17.73
N PHE A 345 10.34 -37.28 17.16
CA PHE A 345 11.55 -36.87 17.89
C PHE A 345 11.50 -35.40 18.25
N LEU A 346 11.16 -34.55 17.26
CA LEU A 346 11.05 -33.12 17.48
C LEU A 346 9.90 -32.79 18.46
N SER A 347 8.84 -33.59 18.42
CA SER A 347 7.66 -33.36 19.26
C SER A 347 7.99 -33.58 20.73
N LYS A 348 8.62 -34.73 21.03
CA LYS A 348 9.07 -35.03 22.36
C LYS A 348 10.02 -33.96 22.87
N LYS A 349 10.93 -33.47 22.02
CA LYS A 349 11.87 -32.39 22.40
C LYS A 349 11.20 -31.04 22.67
N ILE A 350 10.20 -30.68 21.86
CA ILE A 350 9.47 -29.45 22.07
C ILE A 350 8.61 -29.56 23.33
N GLU A 351 7.81 -30.62 23.43
CA GLU A 351 7.02 -30.94 24.64
C GLU A 351 7.86 -30.84 25.92
N TYR A 352 9.09 -31.36 25.88
CA TYR A 352 10.05 -31.37 27.01
C TYR A 352 10.43 -29.94 27.40
N GLU A 353 11.03 -29.19 26.46
CA GLU A 353 11.46 -27.81 26.71
C GLU A 353 10.33 -27.00 27.29
N ARG A 354 9.13 -27.20 26.73
CA ARG A 354 7.87 -26.49 27.09
C ARG A 354 7.51 -26.76 28.55
N ASN A 355 7.62 -28.01 29.00
CA ASN A 355 7.18 -28.43 30.34
C ASN A 355 8.28 -28.51 31.37
N ASN A 356 9.46 -27.94 31.05
CA ASN A 356 10.58 -27.91 31.97
C ASN A 356 11.35 -26.60 31.94
N GLY A 357 10.66 -25.52 31.55
CA GLY A 357 11.15 -24.16 31.66
C GLY A 357 12.17 -23.74 30.62
N PHE A 358 12.13 -24.35 29.44
CA PHE A 358 13.06 -24.08 28.33
C PHE A 358 14.53 -24.01 28.74
N PRO A 359 15.09 -25.09 29.35
CA PRO A 359 16.52 -25.12 29.68
C PRO A 359 17.45 -24.88 28.49
N ILE A 360 17.03 -25.25 27.27
CA ILE A 360 17.84 -25.06 26.06
C ILE A 360 18.07 -23.60 25.69
N PHE A 361 17.22 -22.70 26.21
CA PHE A 361 17.43 -21.25 26.05
C PHE A 361 18.64 -20.74 26.81
N ASP A 362 19.13 -21.53 27.78
CA ASP A 362 20.29 -21.17 28.62
C ASP A 362 21.68 -21.63 28.11
N LYS A 363 21.74 -22.35 26.98
CA LYS A 363 22.99 -22.90 26.47
C LYS A 363 23.83 -21.89 25.67
N LYS B 6 -34.80 5.91 10.27
CA LYS B 6 -34.65 7.36 10.60
C LYS B 6 -33.62 8.00 9.64
N LEU B 7 -32.35 7.97 10.03
CA LEU B 7 -31.24 8.33 9.17
C LEU B 7 -30.93 7.20 8.18
N LYS B 8 -31.31 5.97 8.52
CA LYS B 8 -31.24 4.84 7.60
C LYS B 8 -32.15 5.10 6.40
N LYS B 9 -33.36 5.59 6.69
CA LYS B 9 -34.32 5.95 5.66
C LYS B 9 -33.84 7.11 4.78
N VAL B 10 -33.07 8.02 5.36
CA VAL B 10 -32.51 9.15 4.59
C VAL B 10 -31.43 8.67 3.59
N LEU B 11 -30.52 7.82 4.09
CA LEU B 11 -29.48 7.21 3.25
C LEU B 11 -30.07 6.37 2.10
N ASP B 12 -31.22 5.73 2.35
CA ASP B 12 -31.96 5.06 1.31
C ASP B 12 -32.33 6.05 0.19
N LYS B 13 -32.89 7.21 0.57
CA LYS B 13 -33.21 8.24 -0.40
C LYS B 13 -31.98 8.70 -1.18
N LEU B 14 -30.89 9.00 -0.46
CA LEU B 14 -29.65 9.51 -1.06
C LEU B 14 -28.96 8.54 -1.98
N ARG B 15 -29.13 7.24 -1.73
CA ARG B 15 -28.48 6.14 -2.48
C ARG B 15 -28.71 6.31 -3.99
N LEU B 16 -27.63 6.26 -4.76
CA LEU B 16 -27.68 6.29 -6.22
C LEU B 16 -28.26 5.00 -6.81
N LYS B 17 -28.99 5.16 -7.91
CA LYS B 17 -29.58 4.06 -8.64
C LYS B 17 -28.56 3.48 -9.58
N ARG B 18 -28.42 2.15 -9.58
CA ARG B 18 -27.50 1.42 -10.49
C ARG B 18 -27.78 1.81 -11.94
N LYS B 19 -29.04 1.75 -12.34
CA LYS B 19 -29.48 2.16 -13.67
C LYS B 19 -28.92 3.52 -14.05
N ASP B 20 -29.09 4.50 -13.15
CA ASP B 20 -28.69 5.90 -13.42
C ASP B 20 -27.18 6.06 -13.47
N ILE B 21 -26.47 5.30 -12.63
CA ILE B 21 -25.01 5.31 -12.63
C ILE B 21 -24.53 4.92 -14.02
N SER B 22 -25.11 3.83 -14.52
CA SER B 22 -24.74 3.25 -15.80
C SER B 22 -24.90 4.25 -16.96
N GLU B 23 -26.09 4.87 -17.04
CA GLU B 23 -26.41 5.87 -18.05
C GLU B 23 -25.56 7.14 -17.94
N ALA B 24 -25.31 7.61 -16.71
CA ALA B 24 -24.49 8.81 -16.50
C ALA B 24 -23.08 8.53 -16.97
N ALA B 25 -22.49 7.45 -16.44
CA ALA B 25 -21.12 7.06 -16.75
C ALA B 25 -20.83 6.89 -18.25
N GLU B 26 -21.73 6.22 -18.98
CA GLU B 26 -21.47 5.89 -20.37
C GLU B 26 -21.31 7.18 -21.21
N THR B 27 -22.18 8.17 -20.94
CA THR B 27 -22.20 9.48 -21.62
C THR B 27 -21.00 10.35 -21.21
N VAL B 28 -20.72 10.40 -19.91
CA VAL B 28 -19.62 11.20 -19.36
C VAL B 28 -18.31 10.67 -19.92
N ASN B 29 -18.17 9.34 -19.96
CA ASN B 29 -16.93 8.73 -20.44
C ASN B 29 -16.70 9.02 -21.90
N LYS B 30 -17.77 9.03 -22.70
CA LYS B 30 -17.70 9.41 -24.13
C LYS B 30 -17.12 10.81 -24.32
N VAL B 31 -17.70 11.78 -23.62
CA VAL B 31 -17.32 13.17 -23.76
C VAL B 31 -15.89 13.39 -23.26
N VAL B 32 -15.58 12.80 -22.09
CA VAL B 32 -14.24 12.91 -21.49
C VAL B 32 -13.15 12.26 -22.35
N GLU B 33 -13.42 11.07 -22.90
CA GLU B 33 -12.47 10.38 -23.78
C GLU B 33 -12.13 11.24 -24.98
N ARG B 34 -13.17 11.79 -25.59
CA ARG B 34 -13.09 12.64 -26.81
C ARG B 34 -12.27 13.90 -26.50
N LEU B 35 -12.57 14.56 -25.38
CA LEU B 35 -11.78 15.70 -24.94
C LEU B 35 -10.32 15.33 -24.73
N LEU B 36 -10.07 14.19 -24.06
CA LEU B 36 -8.73 13.76 -23.70
C LEU B 36 -7.86 13.47 -24.95
N ARG B 37 -8.47 12.81 -25.94
CA ARG B 37 -7.83 12.46 -27.23
C ARG B 37 -7.45 13.75 -27.97
N ARG B 38 -8.35 14.74 -27.99
CA ARG B 38 -8.14 16.06 -28.64
C ARG B 38 -6.91 16.75 -28.03
N MET B 39 -6.73 16.67 -26.72
CA MET B 39 -5.59 17.33 -26.08
C MET B 39 -4.27 16.66 -26.52
N GLN B 40 -4.34 15.37 -26.87
CA GLN B 40 -3.18 14.58 -27.28
C GLN B 40 -2.98 14.61 -28.78
N LYS B 41 -4.05 14.27 -29.52
CA LYS B 41 -3.92 13.86 -30.92
C LYS B 41 -3.56 15.08 -31.76
N ARG B 42 -4.29 16.19 -31.56
CA ARG B 42 -3.81 17.55 -31.90
C ARG B 42 -2.46 17.74 -31.20
N GLU B 43 -1.44 18.26 -31.92
CA GLU B 43 -0.13 18.60 -31.35
C GLU B 43 -0.18 19.92 -30.55
N SER B 44 -0.90 19.86 -29.42
CA SER B 44 -1.24 21.01 -28.60
C SER B 44 -0.29 21.16 -27.41
N GLU B 45 -0.51 22.24 -26.66
CA GLU B 45 0.32 22.58 -25.50
C GLU B 45 0.16 21.56 -24.36
N PHE B 46 -0.88 20.74 -24.46
CA PHE B 46 -1.29 19.83 -23.40
C PHE B 46 -1.06 18.36 -23.77
N LYS B 47 -0.19 18.14 -24.78
CA LYS B 47 0.11 16.84 -25.35
C LYS B 47 0.25 15.73 -24.35
N GLY B 48 0.99 15.90 -23.25
CA GLY B 48 1.22 14.81 -22.31
C GLY B 48 0.14 14.53 -21.26
N VAL B 49 -1.04 15.15 -21.41
CA VAL B 49 -2.02 15.24 -20.33
C VAL B 49 -2.64 13.87 -20.03
N GLU B 50 -2.87 13.57 -18.74
CA GLU B 50 -3.47 12.30 -18.29
C GLU B 50 -4.70 12.51 -17.40
N GLN B 51 -5.58 11.50 -17.37
CA GLN B 51 -6.88 11.61 -16.72
C GLN B 51 -6.81 11.06 -15.30
N LEU B 52 -7.30 11.86 -14.34
CA LEU B 52 -7.36 11.50 -12.95
C LEU B 52 -8.74 11.88 -12.41
N ASN B 53 -9.57 10.86 -12.15
CA ASN B 53 -10.91 11.05 -11.65
C ASN B 53 -10.88 11.31 -10.16
N THR B 54 -11.57 12.38 -9.76
CA THR B 54 -11.59 12.82 -8.38
C THR B 54 -13.03 13.15 -7.93
N GLY B 55 -13.14 13.56 -6.66
CA GLY B 55 -14.38 14.04 -6.10
C GLY B 55 -15.31 12.91 -5.71
N SER B 56 -16.56 13.28 -5.38
CA SER B 56 -17.46 12.44 -4.63
C SER B 56 -17.90 11.21 -5.39
N TYR B 57 -18.11 11.32 -6.71
CA TYR B 57 -18.60 10.17 -7.53
C TYR B 57 -17.58 9.04 -7.46
N TYR B 58 -16.29 9.38 -7.52
CA TYR B 58 -15.16 8.43 -7.60
C TYR B 58 -14.70 8.04 -6.20
N GLU B 59 -15.18 8.76 -5.17
CA GLU B 59 -14.98 8.42 -3.75
C GLU B 59 -16.13 7.59 -3.17
N HIS B 60 -17.19 7.41 -3.97
CA HIS B 60 -18.43 6.77 -3.57
C HIS B 60 -19.14 7.46 -2.38
N VAL B 61 -19.07 8.80 -2.34
CA VAL B 61 -19.86 9.60 -1.41
C VAL B 61 -20.78 10.60 -2.11
N LYS B 62 -21.06 10.35 -3.39
CA LYS B 62 -21.97 11.17 -4.14
C LYS B 62 -23.39 10.81 -3.72
N ILE B 63 -24.19 11.82 -3.44
CA ILE B 63 -25.57 11.65 -3.01
C ILE B 63 -26.64 12.10 -4.02
N SER B 64 -27.83 11.51 -3.90
CA SER B 64 -29.03 11.87 -4.65
C SER B 64 -29.06 11.35 -6.09
N ALA B 65 -28.04 11.73 -6.87
CA ALA B 65 -27.99 11.44 -8.29
C ALA B 65 -26.55 11.49 -8.80
N PRO B 66 -26.21 10.71 -9.85
CA PRO B 66 -24.92 10.86 -10.52
C PRO B 66 -24.95 12.04 -11.49
N ASN B 67 -24.98 13.26 -10.94
CA ASN B 67 -25.22 14.48 -11.70
C ASN B 67 -24.07 15.48 -11.66
N GLN B 68 -22.95 15.05 -11.08
CA GLN B 68 -21.79 15.93 -10.95
C GLN B 68 -20.50 15.11 -10.81
N PHE B 69 -19.55 15.36 -11.72
CA PHE B 69 -18.30 14.60 -11.87
C PHE B 69 -17.11 15.56 -11.88
N ASN B 70 -16.02 15.18 -11.21
CA ASN B 70 -14.77 15.93 -11.25
C ASN B 70 -13.65 15.13 -11.87
N VAL B 71 -13.03 15.69 -12.92
CA VAL B 71 -11.95 15.03 -13.66
C VAL B 71 -10.79 15.99 -13.77
N MET B 72 -9.59 15.52 -13.39
CA MET B 72 -8.37 16.31 -13.56
C MET B 72 -7.67 15.83 -14.81
N PHE B 73 -7.27 16.78 -15.67
CA PHE B 73 -6.39 16.53 -16.78
C PHE B 73 -5.02 17.02 -16.33
N LYS B 74 -4.21 16.08 -15.86
CA LYS B 74 -2.94 16.39 -15.21
C LYS B 74 -1.80 16.28 -16.21
N LEU B 75 -0.85 17.22 -16.10
CA LEU B 75 0.24 17.36 -17.06
C LEU B 75 1.53 17.41 -16.30
N GLU B 76 2.38 16.40 -16.52
CA GLU B 76 3.70 16.36 -15.90
C GLU B 76 4.55 17.40 -16.56
N VAL B 77 5.07 18.31 -15.75
CA VAL B 77 5.94 19.38 -16.23
C VAL B 77 7.31 19.11 -15.61
N PRO B 78 8.40 19.68 -16.18
CA PRO B 78 9.75 19.51 -15.60
C PRO B 78 9.89 20.16 -14.21
N ARG B 79 11.11 20.41 -13.77
CA ARG B 79 11.28 21.11 -12.47
C ARG B 79 10.51 22.44 -12.53
N ILE B 80 10.03 22.92 -11.39
CA ILE B 80 9.27 24.19 -11.34
C ILE B 80 9.44 24.79 -9.96
N GLU B 81 10.18 25.90 -9.86
CA GLU B 81 10.39 26.55 -8.58
C GLU B 81 9.05 27.21 -8.22
N LEU B 82 8.48 26.87 -7.07
CA LEU B 82 7.29 27.55 -6.58
C LEU B 82 7.69 28.63 -5.64
N GLN B 83 6.86 29.67 -5.56
CA GLN B 83 7.06 30.76 -4.64
C GLN B 83 5.74 31.01 -3.98
N GLU B 84 5.72 30.91 -2.65
CA GLU B 84 4.48 31.09 -1.90
C GLU B 84 4.00 32.52 -2.12
N TYR B 85 2.70 32.64 -2.43
CA TYR B 85 2.01 33.93 -2.71
C TYR B 85 1.38 34.45 -1.41
N TYR B 86 2.09 35.33 -0.71
CA TYR B 86 1.61 36.07 0.50
C TYR B 86 1.06 35.07 1.54
N GLU B 87 1.95 34.18 2.00
CA GLU B 87 1.78 33.42 3.25
C GLU B 87 0.43 32.70 3.47
N THR B 88 -0.36 32.52 2.41
CA THR B 88 -1.61 31.78 2.52
C THR B 88 -1.40 30.27 2.66
N GLY B 89 -0.30 29.77 2.10
CA GLY B 89 0.05 28.37 2.20
C GLY B 89 -0.40 27.56 1.03
N ALA B 90 -1.54 27.95 0.43
CA ALA B 90 -2.20 27.18 -0.64
C ALA B 90 -2.00 27.73 -2.05
N PHE B 91 -1.65 29.02 -2.16
CA PHE B 91 -1.44 29.69 -3.45
C PHE B 91 0.03 30.01 -3.65
N TYR B 92 0.49 29.85 -4.90
CA TYR B 92 1.90 29.97 -5.36
C TYR B 92 1.96 30.58 -6.77
N LEU B 93 3.11 31.19 -7.13
CA LEU B 93 3.46 31.44 -8.53
C LEU B 93 4.36 30.30 -8.95
N VAL B 94 4.50 30.09 -10.26
CA VAL B 94 5.28 28.97 -10.81
C VAL B 94 6.32 29.46 -11.80
N LYS B 95 7.51 28.84 -11.79
CA LYS B 95 8.66 29.23 -12.65
C LYS B 95 9.52 28.06 -13.13
N PHE B 96 10.47 28.36 -14.03
CA PHE B 96 11.36 27.41 -14.71
C PHE B 96 12.83 27.87 -14.64
N SER B 106 4.64 25.95 -23.04
CA SER B 106 5.78 26.76 -23.45
C SER B 106 5.36 28.20 -23.92
N HIS B 107 4.06 28.38 -24.19
CA HIS B 107 3.53 29.60 -24.78
C HIS B 107 2.85 30.56 -23.79
N PHE B 108 2.83 30.19 -22.49
CA PHE B 108 1.97 30.84 -21.47
C PHE B 108 2.67 31.62 -20.36
N LEU B 109 3.69 32.41 -20.72
CA LEU B 109 4.45 33.23 -19.77
C LEU B 109 4.02 34.71 -19.75
N VAL B 113 7.46 33.49 -15.30
CA VAL B 113 6.25 33.05 -14.59
C VAL B 113 5.22 32.37 -15.50
N LEU B 114 4.68 31.24 -15.03
CA LEU B 114 3.66 30.48 -15.72
C LEU B 114 2.28 30.92 -15.25
N SER B 115 1.59 31.62 -16.15
CA SER B 115 0.27 32.20 -15.92
C SER B 115 -0.81 31.12 -15.93
N ALA B 116 -1.59 31.08 -14.85
CA ALA B 116 -2.75 30.24 -14.73
C ALA B 116 -3.78 30.65 -15.77
N THR B 117 -4.17 31.94 -15.77
CA THR B 117 -5.24 32.45 -16.63
C THR B 117 -4.95 32.18 -18.09
N LYS B 118 -3.74 32.55 -18.52
CA LYS B 118 -3.36 32.38 -19.91
C LYS B 118 -3.42 30.90 -20.31
N MET B 119 -2.95 30.03 -19.41
CA MET B 119 -2.96 28.60 -19.66
C MET B 119 -4.38 28.00 -19.62
N LEU B 120 -5.18 28.37 -18.61
CA LEU B 120 -6.58 27.96 -18.48
C LEU B 120 -7.39 28.41 -19.70
N SER B 121 -7.15 29.64 -20.16
CA SER B 121 -7.85 30.17 -21.30
C SER B 121 -7.67 29.26 -22.50
N LYS B 122 -6.43 28.89 -22.78
CA LYS B 122 -6.13 28.10 -23.95
C LYS B 122 -6.72 26.71 -23.83
N PHE B 123 -6.64 26.14 -22.61
CA PHE B 123 -7.25 24.88 -22.26
C PHE B 123 -8.74 24.92 -22.58
N ARG B 124 -9.36 26.05 -22.21
CA ARG B 124 -10.82 26.29 -22.36
C ARG B 124 -11.16 26.44 -23.85
N LYS B 125 -10.47 27.33 -24.56
CA LYS B 125 -10.64 27.51 -26.01
C LYS B 125 -10.70 26.17 -26.75
N ILE B 126 -9.86 25.22 -26.31
CA ILE B 126 -9.74 23.92 -26.94
C ILE B 126 -10.96 23.08 -26.65
N ILE B 127 -11.33 22.99 -25.37
CA ILE B 127 -12.48 22.22 -24.95
C ILE B 127 -13.73 22.70 -25.67
N LYS B 128 -13.91 24.03 -25.77
CA LYS B 128 -15.09 24.64 -26.38
C LYS B 128 -15.22 24.32 -27.84
N GLU B 129 -14.06 24.25 -28.51
CA GLU B 129 -13.97 23.90 -29.93
C GLU B 129 -14.44 22.45 -30.10
N GLU B 130 -13.88 21.57 -29.28
CA GLU B 130 -14.18 20.15 -29.39
C GLU B 130 -15.63 19.83 -29.07
N VAL B 131 -16.19 20.43 -28.02
CA VAL B 131 -17.60 20.26 -27.65
C VAL B 131 -18.55 20.67 -28.78
N LYS B 132 -18.18 21.75 -29.49
CA LYS B 132 -18.96 22.30 -30.61
C LYS B 132 -19.12 21.33 -31.78
N GLU B 133 -18.23 20.32 -31.85
CA GLU B 133 -18.29 19.31 -32.90
C GLU B 133 -18.85 17.95 -32.47
N ILE B 134 -19.54 17.96 -31.29
CA ILE B 134 -20.22 16.79 -30.76
C ILE B 134 -21.71 16.89 -31.05
N LYS B 135 -22.19 16.06 -31.99
CA LYS B 135 -23.60 15.95 -32.33
C LYS B 135 -24.27 14.65 -31.83
N ASP B 136 -23.48 13.69 -31.35
CA ASP B 136 -24.06 12.47 -30.77
C ASP B 136 -24.78 12.70 -29.41
N ILE B 137 -24.38 13.72 -28.65
CA ILE B 137 -25.05 14.05 -27.38
C ILE B 137 -25.11 15.55 -27.07
N ASP B 138 -26.13 15.93 -26.30
CA ASP B 138 -26.45 17.32 -25.94
C ASP B 138 -25.51 17.79 -24.84
N VAL B 139 -24.54 18.62 -25.22
CA VAL B 139 -23.51 19.09 -24.31
C VAL B 139 -23.03 20.49 -24.67
N SER B 140 -23.24 21.43 -23.74
CA SER B 140 -22.77 22.82 -23.84
C SER B 140 -21.68 23.06 -22.81
N VAL B 141 -21.03 24.22 -22.89
CA VAL B 141 -20.02 24.61 -21.92
C VAL B 141 -20.53 25.77 -21.10
N GLU B 142 -20.64 25.57 -19.78
CA GLU B 142 -21.18 26.57 -18.85
C GLU B 142 -20.34 27.84 -18.95
N LYS B 143 -20.98 29.00 -18.79
CA LYS B 143 -20.28 30.29 -18.70
C LYS B 143 -19.19 30.20 -17.62
N GLU B 144 -18.08 30.90 -17.84
CA GLU B 144 -16.92 30.83 -16.95
C GLU B 144 -17.18 31.55 -15.64
N LYS B 145 -16.79 30.92 -14.54
CA LYS B 145 -16.80 31.53 -13.21
C LYS B 145 -15.38 32.04 -12.94
N PRO B 146 -15.18 33.35 -12.69
CA PRO B 146 -13.86 33.86 -12.31
C PRO B 146 -13.23 33.12 -11.12
N GLY B 147 -11.92 32.85 -11.20
CA GLY B 147 -11.19 32.07 -10.20
C GLY B 147 -11.77 30.70 -9.85
N SER B 148 -12.45 30.06 -10.80
CA SER B 148 -12.70 28.62 -10.75
C SER B 148 -11.63 28.01 -11.64
N PRO B 149 -11.01 26.89 -11.22
CA PRO B 149 -10.05 26.18 -12.08
C PRO B 149 -10.72 25.29 -13.14
N ALA B 150 -12.04 25.15 -13.08
CA ALA B 150 -12.77 24.20 -13.89
C ALA B 150 -13.20 24.80 -15.21
N VAL B 151 -13.30 23.93 -16.22
CA VAL B 151 -14.11 24.12 -17.39
C VAL B 151 -15.27 23.17 -17.21
N THR B 152 -16.49 23.72 -17.11
CA THR B 152 -17.66 22.98 -16.70
C THR B 152 -18.55 22.68 -17.90
N LEU B 153 -18.81 21.38 -18.13
CA LEU B 153 -19.67 20.90 -19.20
C LEU B 153 -21.05 20.63 -18.60
N LEU B 154 -22.10 20.96 -19.35
CA LEU B 154 -23.46 20.61 -19.00
C LEU B 154 -24.00 19.61 -20.02
N ILE B 155 -24.17 18.36 -19.60
CA ILE B 155 -24.79 17.32 -20.41
C ILE B 155 -26.27 17.31 -20.04
N ARG B 156 -27.13 17.26 -21.05
CA ARG B 156 -28.61 17.20 -20.87
C ARG B 156 -29.07 15.73 -20.87
N ASN B 157 -28.28 14.83 -21.46
CA ASN B 157 -28.57 13.38 -21.50
C ASN B 157 -30.04 13.31 -21.89
N PRO B 158 -30.92 12.60 -21.15
CA PRO B 158 -32.26 13.14 -20.91
C PRO B 158 -32.28 14.05 -19.67
N GLU B 159 -31.41 13.81 -18.68
CA GLU B 159 -31.33 14.55 -17.39
C GLU B 159 -30.02 15.34 -17.20
N GLU B 160 -30.03 16.30 -16.27
CA GLU B 160 -28.89 17.22 -16.10
C GLU B 160 -27.71 16.63 -15.31
N ILE B 161 -26.54 16.63 -15.96
CA ILE B 161 -25.26 16.14 -15.43
C ILE B 161 -24.21 17.19 -15.75
N SER B 162 -23.50 17.68 -14.74
CA SER B 162 -22.38 18.58 -15.00
C SER B 162 -21.03 17.93 -14.67
N VAL B 163 -20.03 18.19 -15.53
CA VAL B 163 -18.69 17.65 -15.43
C VAL B 163 -17.71 18.80 -15.37
N ASP B 164 -16.89 18.83 -14.32
CA ASP B 164 -15.83 19.83 -14.17
C ASP B 164 -14.53 19.21 -14.66
N ILE B 165 -13.93 19.84 -15.68
CA ILE B 165 -12.66 19.42 -16.22
C ILE B 165 -11.61 20.37 -15.70
N ILE B 166 -10.72 19.86 -14.85
CA ILE B 166 -9.80 20.65 -14.08
C ILE B 166 -8.39 20.40 -14.60
N LEU B 167 -7.78 21.46 -15.18
CA LEU B 167 -6.40 21.42 -15.60
C LEU B 167 -5.53 21.26 -14.35
N ALA B 168 -4.47 20.46 -14.44
CA ALA B 168 -3.55 20.27 -13.32
C ALA B 168 -2.11 20.11 -13.75
N LEU B 169 -1.23 20.87 -13.10
CA LEU B 169 0.21 20.66 -13.22
C LEU B 169 0.60 19.60 -12.19
N GLU B 170 1.36 18.58 -12.65
CA GLU B 170 1.90 17.54 -11.78
C GLU B 170 3.37 17.80 -11.53
N SER B 171 3.75 17.93 -10.25
CA SER B 171 5.13 18.04 -9.79
C SER B 171 5.53 16.84 -8.93
N LYS B 172 6.75 16.36 -9.15
CA LYS B 172 7.30 15.17 -8.54
C LYS B 172 8.21 15.50 -7.36
N GLY B 173 8.39 16.79 -7.06
CA GLY B 173 9.24 17.19 -5.95
C GLY B 173 8.61 16.84 -4.61
N SER B 174 9.39 16.95 -3.53
CA SER B 174 8.80 16.84 -2.23
C SER B 174 7.75 17.96 -2.13
N TRP B 175 6.70 17.72 -1.34
CA TRP B 175 5.61 18.66 -1.23
C TRP B 175 6.10 19.97 -0.63
N PRO B 176 5.37 21.09 -0.83
CA PRO B 176 5.73 22.35 -0.22
C PRO B 176 5.82 22.28 1.31
N ILE B 177 6.48 23.26 1.92
CA ILE B 177 6.72 23.25 3.38
C ILE B 177 5.44 23.64 4.12
N SER B 178 4.52 24.29 3.43
CA SER B 178 3.22 24.62 4.07
C SER B 178 2.54 23.32 4.49
N THR B 179 2.89 22.22 3.83
CA THR B 179 2.23 20.93 4.09
C THR B 179 3.07 20.05 4.99
N LYS B 180 4.09 20.59 5.64
CA LYS B 180 4.97 19.71 6.40
C LYS B 180 4.20 19.12 7.58
N GLU B 181 3.56 20.01 8.36
CA GLU B 181 2.75 19.62 9.50
C GLU B 181 1.34 19.22 9.11
N GLY B 182 1.08 19.11 7.81
CA GLY B 182 -0.23 18.76 7.32
C GLY B 182 -0.39 17.26 7.33
N LEU B 183 -1.60 16.81 6.96
CA LEU B 183 -1.93 15.38 6.78
C LEU B 183 -1.62 14.58 8.04
N PRO B 184 -2.25 14.95 9.18
CA PRO B 184 -1.89 14.38 10.48
C PRO B 184 -2.55 13.00 10.70
N ILE B 185 -2.21 12.02 9.84
CA ILE B 185 -2.82 10.69 9.85
C ILE B 185 -2.09 9.64 10.70
N GLN B 186 -1.03 10.04 11.40
CA GLN B 186 -0.11 9.12 12.09
C GLN B 186 -0.76 8.16 13.09
N GLY B 187 -1.75 8.63 13.84
CA GLY B 187 -2.43 7.80 14.83
C GLY B 187 -3.61 7.07 14.24
N TRP B 188 -3.86 7.26 12.94
CA TRP B 188 -5.06 6.76 12.27
C TRP B 188 -4.74 5.81 11.11
N LEU B 189 -4.14 6.35 10.04
CA LEU B 189 -3.71 5.54 8.90
C LEU B 189 -2.22 5.15 8.97
N GLY B 190 -1.46 5.91 9.76
CA GLY B 190 -0.11 5.56 10.16
C GLY B 190 1.02 6.26 9.46
N THR B 191 2.25 6.03 9.95
CA THR B 191 3.43 6.69 9.42
C THR B 191 3.86 6.15 8.04
N LYS B 192 3.78 4.83 7.83
CA LYS B 192 4.10 4.31 6.49
C LYS B 192 3.14 4.88 5.43
N VAL B 193 1.84 4.81 5.68
CA VAL B 193 0.86 5.36 4.76
C VAL B 193 1.18 6.84 4.44
N ARG B 194 1.49 7.62 5.48
CA ARG B 194 1.79 9.07 5.30
C ARG B 194 3.05 9.27 4.45
N THR B 195 4.11 8.54 4.76
CA THR B 195 5.35 8.71 4.04
C THR B 195 5.12 8.35 2.57
N ASN B 196 4.39 7.24 2.34
CA ASN B 196 4.09 6.80 0.98
C ASN B 196 3.27 7.81 0.21
N LEU B 197 2.20 8.31 0.85
CA LEU B 197 1.36 9.33 0.25
C LEU B 197 2.16 10.58 -0.15
N ARG B 198 3.15 10.94 0.65
CA ARG B 198 3.90 12.21 0.45
C ARG B 198 5.01 11.99 -0.58
N ARG B 199 5.26 10.75 -0.99
CA ARG B 199 6.14 10.38 -2.13
C ARG B 199 5.36 10.48 -3.45
N GLU B 200 4.02 10.45 -3.38
CA GLU B 200 3.21 10.73 -4.54
C GLU B 200 3.50 12.17 -4.99
N PRO B 201 3.31 12.49 -6.27
CA PRO B 201 3.41 13.87 -6.73
C PRO B 201 2.34 14.77 -6.08
N PHE B 202 2.54 16.09 -6.14
CA PHE B 202 1.50 17.04 -5.75
C PHE B 202 1.04 17.79 -6.98
N TYR B 203 -0.12 18.44 -6.88
CA TYR B 203 -0.83 19.05 -8.05
C TYR B 203 -1.06 20.54 -7.81
N LEU B 204 -1.05 21.30 -8.90
CA LEU B 204 -1.37 22.71 -8.90
C LEU B 204 -2.48 22.89 -9.93
N VAL B 205 -3.53 23.60 -9.52
CA VAL B 205 -4.65 23.87 -10.39
C VAL B 205 -4.79 25.39 -10.54
N PRO B 206 -5.35 25.88 -11.67
CA PRO B 206 -5.46 27.31 -11.93
C PRO B 206 -6.66 27.94 -11.22
N LYS B 207 -6.65 27.94 -9.89
CA LYS B 207 -7.62 28.68 -9.11
C LYS B 207 -6.82 29.88 -8.73
N ASN B 208 -7.34 31.07 -9.07
CA ASN B 208 -6.63 32.27 -8.75
C ASN B 208 -7.03 32.69 -7.35
N ALA B 209 -6.22 33.56 -6.74
CA ALA B 209 -6.57 34.27 -5.49
C ALA B 209 -7.15 35.66 -5.83
N GLN B 216 -2.62 37.81 -8.76
CA GLN B 216 -3.93 37.15 -8.85
C GLN B 216 -3.96 36.19 -10.03
N GLY B 217 -3.89 36.73 -11.25
CA GLY B 217 -4.19 35.99 -12.46
C GLY B 217 -3.18 34.94 -12.86
N GLU B 218 -1.98 35.02 -12.25
CA GLU B 218 -0.91 34.05 -12.48
C GLU B 218 -0.76 32.98 -11.36
N THR B 219 -1.59 33.09 -10.31
CA THR B 219 -1.53 32.20 -9.14
C THR B 219 -2.19 30.86 -9.41
N TRP B 220 -1.54 29.79 -8.99
CA TRP B 220 -2.11 28.47 -8.99
C TRP B 220 -2.37 28.08 -7.55
N ARG B 221 -3.05 26.95 -7.37
CA ARG B 221 -3.42 26.43 -6.03
C ARG B 221 -3.07 24.96 -5.91
N LEU B 222 -2.61 24.55 -4.72
CA LEU B 222 -2.28 23.17 -4.42
C LEU B 222 -3.52 22.31 -4.47
N SER B 223 -3.36 21.07 -4.96
CA SER B 223 -4.41 20.06 -4.95
C SER B 223 -3.89 18.74 -4.41
N PHE B 224 -4.68 18.16 -3.51
CA PHE B 224 -4.49 16.82 -2.98
C PHE B 224 -5.78 16.01 -3.16
N SER B 225 -6.44 16.19 -4.32
CA SER B 225 -7.64 15.45 -4.65
C SER B 225 -7.35 13.96 -4.72
N HIS B 226 -6.17 13.62 -5.25
CA HIS B 226 -5.68 12.24 -5.34
C HIS B 226 -5.47 11.62 -3.97
N THR B 227 -4.93 12.41 -3.04
CA THR B 227 -4.72 11.97 -1.69
C THR B 227 -6.06 11.79 -0.91
N GLU B 228 -6.96 12.73 -1.08
CA GLU B 228 -8.30 12.67 -0.50
C GLU B 228 -9.07 11.41 -0.97
N LYS B 229 -8.88 11.06 -2.25
CA LYS B 229 -9.50 9.89 -2.85
C LYS B 229 -8.96 8.62 -2.22
N TYR B 230 -7.64 8.52 -2.07
CA TYR B 230 -7.01 7.37 -1.37
C TYR B 230 -7.63 7.30 0.03
N ILE B 231 -7.69 8.41 0.77
CA ILE B 231 -8.17 8.39 2.14
C ILE B 231 -9.61 7.89 2.22
N LEU B 232 -10.46 8.40 1.32
CA LEU B 232 -11.85 8.00 1.32
C LEU B 232 -11.97 6.49 1.11
N ASN B 233 -11.15 5.91 0.21
CA ASN B 233 -11.22 4.47 -0.08
C ASN B 233 -10.33 3.57 0.78
N ASN B 234 -9.63 4.19 1.75
CA ASN B 234 -8.76 3.52 2.72
C ASN B 234 -8.81 4.22 4.04
N HIS B 235 -10.01 4.26 4.62
CA HIS B 235 -10.35 5.20 5.68
C HIS B 235 -10.24 4.62 7.09
N GLY B 236 -9.87 3.34 7.20
CA GLY B 236 -9.92 2.59 8.44
C GLY B 236 -8.58 2.51 9.12
N ILE B 237 -8.60 2.35 10.44
CA ILE B 237 -7.39 1.98 11.17
C ILE B 237 -7.07 0.49 10.93
N GLU B 238 -8.12 -0.34 10.79
CA GLU B 238 -7.97 -1.71 10.30
C GLU B 238 -7.98 -1.76 8.79
N LYS B 239 -7.07 -2.54 8.24
CA LYS B 239 -6.97 -2.76 6.82
C LYS B 239 -8.25 -3.32 6.22
N THR B 240 -9.03 -4.02 7.04
CA THR B 240 -10.25 -4.65 6.55
C THR B 240 -11.51 -3.82 6.66
N CYS B 241 -11.40 -2.58 7.17
CA CYS B 241 -12.56 -1.70 7.28
C CYS B 241 -13.30 -1.68 5.96
N CYS B 242 -14.59 -2.05 6.00
CA CYS B 242 -15.49 -1.96 4.85
C CYS B 242 -15.19 -2.92 3.69
N GLU B 243 -14.33 -3.91 3.94
CA GLU B 243 -14.05 -4.94 2.96
C GLU B 243 -14.95 -6.15 3.20
N SER B 244 -14.93 -7.09 2.26
CA SER B 244 -15.79 -8.26 2.32
C SER B 244 -15.52 -9.24 3.50
N SER B 245 -14.29 -9.22 4.05
CA SER B 245 -13.94 -10.05 5.23
C SER B 245 -13.59 -9.19 6.44
N GLY B 246 -14.14 -7.98 6.45
CA GLY B 246 -14.04 -7.07 7.57
C GLY B 246 -15.41 -6.59 8.03
N ALA B 247 -15.38 -5.55 8.85
CA ALA B 247 -16.54 -4.94 9.44
C ALA B 247 -16.79 -3.60 8.75
N LYS B 248 -18.07 -3.36 8.46
CA LYS B 248 -18.54 -2.11 7.93
C LYS B 248 -18.45 -1.02 9.02
N CYS B 249 -17.99 0.18 8.65
CA CYS B 249 -18.07 1.37 9.48
C CYS B 249 -19.13 2.25 8.87
N CYS B 250 -19.40 3.38 9.52
CA CYS B 250 -20.39 4.34 9.05
C CYS B 250 -19.77 5.70 8.76
N ARG B 251 -18.46 5.71 8.51
CA ARG B 251 -17.68 6.93 8.20
C ARG B 251 -18.26 7.62 6.96
N LYS B 252 -18.44 6.89 5.84
CA LYS B 252 -18.92 7.49 4.60
C LYS B 252 -20.36 7.94 4.69
N GLU B 253 -21.15 7.16 5.41
CA GLU B 253 -22.57 7.45 5.63
C GLU B 253 -22.75 8.80 6.36
N CYS B 254 -21.88 9.06 7.34
CA CYS B 254 -21.89 10.33 8.07
C CYS B 254 -21.51 11.45 7.11
N LEU B 255 -20.56 11.19 6.21
CA LEU B 255 -20.15 12.21 5.27
C LEU B 255 -21.35 12.56 4.37
N LYS B 256 -22.07 11.55 3.89
CA LYS B 256 -23.23 11.78 3.03
C LYS B 256 -24.28 12.62 3.72
N LEU B 257 -24.64 12.22 4.94
CA LEU B 257 -25.66 12.89 5.75
C LEU B 257 -25.32 14.38 5.96
N MET B 258 -24.04 14.65 6.22
CA MET B 258 -23.56 16.00 6.44
C MET B 258 -23.60 16.85 5.16
N LYS B 259 -23.23 16.25 4.04
CA LYS B 259 -23.26 16.93 2.76
C LYS B 259 -24.67 17.29 2.38
N TYR B 260 -25.59 16.36 2.61
CA TYR B 260 -27.04 16.50 2.34
C TYR B 260 -27.65 17.61 3.22
N LEU B 261 -27.26 17.69 4.48
CA LEU B 261 -27.74 18.76 5.34
C LEU B 261 -27.31 20.11 4.77
N LEU B 262 -26.07 20.20 4.28
CA LEU B 262 -25.55 21.44 3.70
C LEU B 262 -26.22 21.78 2.35
N GLU B 263 -26.32 20.80 1.43
CA GLU B 263 -27.03 20.95 0.15
C GLU B 263 -28.47 21.49 0.36
N GLN B 264 -29.21 20.84 1.26
CA GLN B 264 -30.58 21.22 1.56
C GLN B 264 -30.67 22.66 2.07
N LEU B 265 -29.80 23.01 3.01
CA LEU B 265 -29.81 24.35 3.58
C LEU B 265 -29.41 25.34 2.53
N LYS B 266 -28.38 24.98 1.75
CA LYS B 266 -27.83 25.85 0.75
C LYS B 266 -28.87 26.23 -0.32
N LYS B 267 -29.66 25.26 -0.77
CA LYS B 267 -30.66 25.52 -1.80
C LYS B 267 -31.82 26.46 -1.30
N GLU B 268 -32.02 26.51 0.02
CA GLU B 268 -33.07 27.30 0.66
C GLU B 268 -32.61 28.69 1.12
N PHE B 269 -31.35 28.79 1.57
CA PHE B 269 -30.83 30.05 2.11
C PHE B 269 -29.61 30.56 1.34
N GLN B 270 -29.80 31.72 0.68
CA GLN B 270 -28.76 32.43 -0.04
C GLN B 270 -27.62 32.92 0.87
N GLU B 271 -27.96 33.15 2.15
CA GLU B 271 -27.00 33.47 3.22
C GLU B 271 -25.85 32.48 3.34
N LEU B 272 -26.03 31.27 2.79
CA LEU B 272 -25.03 30.22 2.90
C LEU B 272 -24.20 30.02 1.64
N ASP B 273 -24.14 31.05 0.79
CA ASP B 273 -23.40 30.93 -0.50
C ASP B 273 -21.88 30.72 -0.28
N ALA B 274 -21.35 31.27 0.82
CA ALA B 274 -19.95 31.14 1.13
C ALA B 274 -19.50 29.70 1.46
N PHE B 275 -20.44 28.83 1.84
CA PHE B 275 -20.14 27.44 2.22
C PHE B 275 -20.27 26.45 1.07
N CYS B 276 -19.47 25.38 1.14
CA CYS B 276 -19.41 24.35 0.09
C CYS B 276 -19.12 23.00 0.73
N SER B 277 -19.15 21.94 -0.07
CA SER B 277 -19.02 20.60 0.48
C SER B 277 -17.58 20.34 0.91
N TYR B 278 -16.60 21.06 0.36
CA TYR B 278 -15.18 20.87 0.71
C TYR B 278 -14.98 21.21 2.20
N HIS B 279 -15.78 22.14 2.72
CA HIS B 279 -15.81 22.44 4.16
C HIS B 279 -16.21 21.21 5.00
N VAL B 280 -17.28 20.53 4.58
CA VAL B 280 -17.77 19.36 5.27
C VAL B 280 -16.75 18.23 5.19
N LYS B 281 -16.14 18.08 4.02
CA LYS B 281 -15.12 17.07 3.77
C LYS B 281 -13.88 17.29 4.64
N THR B 282 -13.44 18.55 4.69
CA THR B 282 -12.32 18.96 5.51
C THR B 282 -12.57 18.67 7.01
N ALA B 283 -13.77 19.00 7.50
CA ALA B 283 -14.13 18.78 8.90
C ALA B 283 -14.18 17.31 9.28
N ILE B 284 -14.66 16.48 8.35
CA ILE B 284 -14.78 15.06 8.65
C ILE B 284 -13.40 14.40 8.66
N PHE B 285 -12.48 14.91 7.83
CA PHE B 285 -11.08 14.43 7.87
C PHE B 285 -10.50 14.66 9.29
N HIS B 286 -10.82 15.82 9.87
CA HIS B 286 -10.41 16.16 11.21
C HIS B 286 -11.05 15.24 12.26
N MET B 287 -12.35 14.96 12.11
CA MET B 287 -13.07 14.04 13.01
C MET B 287 -12.55 12.62 12.91
N TRP B 288 -12.26 12.18 11.69
CA TRP B 288 -11.68 10.85 11.48
C TRP B 288 -10.29 10.74 12.15
N THR B 289 -9.59 11.87 12.29
CA THR B 289 -8.27 11.89 12.90
C THR B 289 -8.40 11.85 14.43
N GLN B 290 -9.34 12.67 14.93
CA GLN B 290 -9.63 12.78 16.34
C GLN B 290 -10.20 11.46 16.93
N ASP B 291 -11.02 10.76 16.13
CA ASP B 291 -11.64 9.48 16.51
C ASP B 291 -11.19 8.41 15.52
N PRO B 292 -9.95 7.90 15.66
CA PRO B 292 -9.35 7.03 14.67
C PRO B 292 -9.89 5.59 14.63
N GLN B 293 -10.37 5.06 15.76
CA GLN B 293 -10.81 3.67 15.85
C GLN B 293 -12.05 3.38 15.01
N ASP B 294 -12.04 2.24 14.30
CA ASP B 294 -13.17 1.85 13.46
C ASP B 294 -14.44 1.67 14.29
N SER B 295 -14.26 1.35 15.58
CA SER B 295 -15.35 1.03 16.48
C SER B 295 -16.00 2.31 17.01
N GLN B 296 -15.31 3.43 16.83
CA GLN B 296 -15.90 4.74 17.04
C GLN B 296 -16.77 5.14 15.85
N TRP B 297 -16.80 4.30 14.82
CA TRP B 297 -17.68 4.52 13.66
C TRP B 297 -18.49 3.26 13.38
N ASP B 298 -19.01 2.64 14.43
CA ASP B 298 -19.87 1.46 14.29
C ASP B 298 -21.23 1.84 13.70
N PRO B 299 -21.71 1.10 12.66
CA PRO B 299 -23.01 1.39 12.04
C PRO B 299 -24.21 1.47 12.99
N ARG B 300 -24.15 0.74 14.10
CA ARG B 300 -25.20 0.73 15.16
C ARG B 300 -25.20 2.09 15.89
N ASN B 301 -24.13 2.88 15.80
CA ASN B 301 -24.04 4.21 16.41
C ASN B 301 -24.06 5.39 15.43
N LEU B 302 -24.69 5.17 14.28
CA LEU B 302 -24.85 6.19 13.26
C LEU B 302 -25.37 7.54 13.78
N SER B 303 -26.39 7.50 14.64
CA SER B 303 -26.94 8.71 15.24
C SER B 303 -25.90 9.49 16.07
N SER B 304 -25.24 8.81 17.01
CA SER B 304 -24.20 9.42 17.82
C SER B 304 -23.09 10.00 16.94
N CYS B 305 -22.68 9.21 15.93
CA CYS B 305 -21.58 9.59 15.03
C CYS B 305 -21.90 10.86 14.23
N PHE B 306 -23.11 10.90 13.66
CA PHE B 306 -23.55 12.02 12.88
C PHE B 306 -23.64 13.23 13.79
N ASP B 307 -24.18 13.01 14.99
CA ASP B 307 -24.33 14.05 15.99
C ASP B 307 -23.02 14.63 16.49
N LYS B 308 -22.03 13.75 16.70
CA LYS B 308 -20.74 14.21 17.15
C LYS B 308 -20.05 14.99 16.01
N LEU B 309 -20.31 14.60 14.76
CA LEU B 309 -19.82 15.35 13.61
C LEU B 309 -20.43 16.74 13.53
N LEU B 310 -21.74 16.84 13.80
CA LEU B 310 -22.43 18.12 13.85
C LEU B 310 -21.89 19.03 14.94
N ALA B 311 -21.66 18.43 16.12
CA ALA B 311 -21.13 19.15 17.26
C ALA B 311 -19.76 19.75 16.90
N PHE B 312 -18.93 18.94 16.23
CA PHE B 312 -17.60 19.36 15.77
C PHE B 312 -17.65 20.52 14.77
N PHE B 313 -18.57 20.41 13.79
CA PHE B 313 -18.75 21.42 12.78
C PHE B 313 -19.20 22.75 13.40
N LEU B 314 -20.07 22.68 14.40
CA LEU B 314 -20.57 23.87 15.10
C LEU B 314 -19.47 24.56 15.87
N GLU B 315 -18.50 23.78 16.36
CA GLU B 315 -17.39 24.29 17.12
C GLU B 315 -16.44 25.04 16.21
N CYS B 316 -16.19 24.46 15.01
CA CYS B 316 -15.49 25.13 13.92
C CYS B 316 -16.13 26.50 13.56
N LEU B 317 -17.46 26.54 13.43
CA LEU B 317 -18.16 27.79 13.15
C LEU B 317 -17.99 28.82 14.29
N ARG B 318 -18.21 28.39 15.53
CA ARG B 318 -18.20 29.24 16.76
C ARG B 318 -16.82 29.87 16.91
N THR B 319 -15.77 29.05 16.79
CA THR B 319 -14.37 29.46 16.89
C THR B 319 -13.77 30.05 15.57
N GLU B 320 -14.57 30.14 14.50
CA GLU B 320 -14.13 30.62 13.19
C GLU B 320 -12.83 29.91 12.71
N LYS B 321 -12.79 28.59 12.90
CA LYS B 321 -11.60 27.82 12.64
C LYS B 321 -11.88 26.43 12.00
N LEU B 322 -11.41 26.28 10.78
CA LEU B 322 -11.43 25.02 10.05
C LEU B 322 -10.19 24.99 9.16
N ASP B 323 -9.11 24.39 9.67
CA ASP B 323 -7.84 24.36 8.98
C ASP B 323 -7.87 23.37 7.85
N HIS B 324 -7.31 23.75 6.70
CA HIS B 324 -7.09 22.85 5.58
C HIS B 324 -6.35 21.65 6.16
N TYR B 325 -6.77 20.45 5.76
CA TYR B 325 -6.23 19.18 6.33
C TYR B 325 -4.79 18.96 5.86
N PHE B 326 -4.41 19.51 4.71
CA PHE B 326 -3.08 19.36 4.13
C PHE B 326 -2.19 20.58 4.36
N ILE B 327 -2.81 21.71 4.69
CA ILE B 327 -2.13 22.98 4.83
C ILE B 327 -2.64 23.63 6.11
N PRO B 328 -2.05 23.29 7.28
CA PRO B 328 -2.58 23.71 8.58
C PRO B 328 -2.73 25.22 8.79
N LYS B 329 -1.86 26.05 8.20
CA LYS B 329 -1.95 27.49 8.42
C LYS B 329 -3.05 28.18 7.63
N PHE B 330 -3.71 27.43 6.72
CA PHE B 330 -4.78 27.94 5.87
C PHE B 330 -6.16 27.65 6.47
N ASN B 331 -6.75 28.69 7.06
CA ASN B 331 -8.05 28.66 7.72
C ASN B 331 -9.18 28.97 6.74
N LEU B 332 -9.98 27.94 6.40
CA LEU B 332 -11.10 28.08 5.48
C LEU B 332 -12.23 28.92 6.08
N PHE B 333 -12.26 29.03 7.41
CA PHE B 333 -13.28 29.79 8.13
C PHE B 333 -12.71 31.08 8.73
N SER B 334 -11.66 31.63 8.10
CA SER B 334 -11.13 32.93 8.48
C SER B 334 -12.24 33.96 8.30
N GLN B 335 -12.07 35.16 8.88
CA GLN B 335 -13.02 36.27 8.72
C GLN B 335 -13.05 36.78 7.27
N GLU B 336 -11.91 36.64 6.58
CA GLU B 336 -11.67 37.10 5.22
C GLU B 336 -12.54 36.38 4.20
N LEU B 337 -12.55 35.04 4.28
CA LEU B 337 -13.25 34.22 3.32
C LEU B 337 -14.73 34.16 3.62
N ILE B 338 -15.08 34.13 4.91
CA ILE B 338 -16.46 33.99 5.34
C ILE B 338 -16.76 34.92 6.49
N ASP B 339 -17.82 35.72 6.35
CA ASP B 339 -18.27 36.65 7.38
C ASP B 339 -18.79 35.91 8.61
N ARG B 340 -18.50 36.46 9.80
CA ARG B 340 -19.00 35.92 11.10
C ARG B 340 -20.51 35.71 11.01
N LYS B 341 -21.21 36.67 10.41
CA LYS B 341 -22.65 36.63 10.21
C LYS B 341 -23.06 35.35 9.50
N SER B 342 -22.39 35.04 8.39
CA SER B 342 -22.67 33.82 7.64
C SER B 342 -22.54 32.59 8.52
N LYS B 343 -21.55 32.64 9.43
CA LYS B 343 -21.24 31.52 10.31
C LYS B 343 -22.24 31.37 11.42
N GLU B 344 -22.60 32.50 12.04
CA GLU B 344 -23.68 32.53 13.03
C GLU B 344 -24.99 32.04 12.40
N PHE B 345 -25.24 32.44 11.15
CA PHE B 345 -26.46 32.08 10.45
C PHE B 345 -26.55 30.58 10.24
N LEU B 346 -25.46 29.97 9.74
CA LEU B 346 -25.39 28.53 9.53
C LEU B 346 -25.51 27.75 10.83
N SER B 347 -24.97 28.33 11.92
CA SER B 347 -24.98 27.71 13.23
C SER B 347 -26.39 27.60 13.78
N LYS B 348 -27.13 28.72 13.76
CA LYS B 348 -28.52 28.74 14.15
C LYS B 348 -29.33 27.70 13.37
N LYS B 349 -29.10 27.61 12.05
CA LYS B 349 -29.81 26.67 11.20
C LYS B 349 -29.45 25.19 11.46
N ILE B 350 -28.17 24.91 11.74
CA ILE B 350 -27.75 23.56 12.09
C ILE B 350 -28.30 23.18 13.46
N GLU B 351 -28.08 24.06 14.46
CA GLU B 351 -28.63 23.88 15.82
C GLU B 351 -30.12 23.55 15.78
N TYR B 352 -30.86 24.24 14.92
CA TYR B 352 -32.33 24.06 14.74
C TYR B 352 -32.64 22.65 14.23
N GLU B 353 -32.12 22.29 13.06
CA GLU B 353 -32.36 20.97 12.47
C GLU B 353 -32.05 19.86 13.46
N ARG B 354 -30.95 20.04 14.19
CA ARG B 354 -30.42 19.10 15.21
C ARG B 354 -31.43 18.91 16.35
N ASN B 355 -32.05 20.01 16.81
CA ASN B 355 -32.95 19.97 17.97
C ASN B 355 -34.43 19.89 17.60
N ASN B 356 -34.72 19.55 16.35
CA ASN B 356 -36.08 19.36 15.89
C ASN B 356 -36.27 18.15 14.99
N GLY B 357 -35.32 17.21 15.02
CA GLY B 357 -35.41 15.94 14.32
C GLY B 357 -35.21 16.01 12.82
N PHE B 358 -34.36 16.96 12.41
CA PHE B 358 -34.00 17.16 10.99
C PHE B 358 -35.17 17.21 10.02
N PRO B 359 -36.16 18.12 10.23
CA PRO B 359 -37.28 18.26 9.30
C PRO B 359 -36.84 18.55 7.85
N ILE B 360 -35.69 19.21 7.64
CA ILE B 360 -35.21 19.53 6.30
C ILE B 360 -34.86 18.29 5.46
N PHE B 361 -34.61 17.16 6.13
CA PHE B 361 -34.36 15.90 5.46
C PHE B 361 -35.62 15.36 4.78
N ASP B 362 -36.79 15.88 5.15
CA ASP B 362 -38.09 15.51 4.53
C ASP B 362 -38.55 16.25 3.23
N LYS B 363 -37.77 17.24 2.76
CA LYS B 363 -38.02 17.89 1.47
C LYS B 363 -37.48 17.09 0.27
#